data_2V11
#
_entry.id   2V11
#
_cell.length_a   142.900
_cell.length_b   142.900
_cell.length_c   142.900
_cell.angle_alpha   90.00
_cell.angle_beta   90.00
_cell.angle_gamma   90.00
#
_symmetry.space_group_name_H-M   'P 21 3'
#
loop_
_entity.id
_entity.type
_entity.pdbx_description
1 polymer RENIN
2 non-polymer '(2S,4S,5R,7R)-4-AMINO-8-(BUTYLAMINO)-5-HYDROXY-2,7-DIMETHYL-8-OXOOCTYL 1-BENZYL-1H-INDOLE-3-CARBOXYLATE'
#
_entity_poly.entity_id   1
_entity_poly.type   'polypeptide(L)'
_entity_poly.pdbx_seq_one_letter_code
;LTLGNTTSSVILTNYMDTQYYGEIGIGTPPQTFKVVFDTGSSNVWVPSSKCSRLYTACVYHKLFDASDSSSYKHNGTELT
LRYSTGTVSGFLSQDIITVGGITVTQMFGEVTEMPALPFMLAEFDGVVGMGFIEQAIGRVTPIFDNIISQGVLKEDVFSF
YYNRDSENSQSLGGQIVLGGSDPQHYEGNFHYINLIKTGVWQIQMKGVSVGSSTLLCEDGCLALVDTGASYISGSTSSIE
KLMEALGAKKRLFDYVVKCNEGPTLPDISFHLGGKEYTLTSADYVFQESYSSKKLCTLAIHAMDIPPPTGPTWALGATFI
RKFYTEFDRRNNRIGFALAR
;
_entity_poly.pdbx_strand_id   C,O
#
loop_
_chem_comp.id
_chem_comp.type
_chem_comp.name
_chem_comp.formula
C80 non-polymer '(2S,4S,5R,7R)-4-AMINO-8-(BUTYLAMINO)-5-HYDROXY-2,7-DIMETHYL-8-OXOOCTYL 1-BENZYL-1H-INDOLE-3-CARBOXYLATE' 'C30 H41 N3 O4'
#
# COMPACT_ATOMS: atom_id res chain seq x y z
N GLY A 4 -32.18 9.59 -8.50
CA GLY A 4 -32.43 11.02 -8.27
C GLY A 4 -31.08 11.69 -8.51
N ASN A 5 -30.73 12.87 -7.98
CA ASN A 5 -29.31 13.26 -8.05
C ASN A 5 -28.84 14.07 -6.84
N THR A 6 -27.74 13.39 -6.38
CA THR A 6 -26.79 13.78 -5.34
C THR A 6 -25.96 12.62 -4.82
N THR A 7 -24.75 13.01 -4.43
CA THR A 7 -23.86 12.13 -3.69
C THR A 7 -23.27 12.86 -2.51
N SER A 8 -23.02 12.17 -1.42
CA SER A 8 -22.34 12.79 -0.31
C SER A 8 -21.32 11.78 0.18
N SER A 9 -20.33 12.21 0.95
CA SER A 9 -19.29 11.33 1.36
C SER A 9 -18.88 11.47 2.80
N VAL A 10 -18.58 10.40 3.49
CA VAL A 10 -18.17 10.54 4.84
C VAL A 10 -16.67 10.35 4.95
N ILE A 11 -15.91 11.35 5.33
CA ILE A 11 -14.48 11.20 5.56
C ILE A 11 -14.35 10.30 6.79
N LEU A 12 -13.39 9.41 6.96
CA LEU A 12 -13.32 8.59 8.16
C LEU A 12 -11.93 8.74 8.70
N THR A 13 -11.73 8.63 9.99
CA THR A 13 -10.44 8.71 10.60
C THR A 13 -9.83 7.31 10.62
N ASN A 14 -8.54 7.10 10.41
CA ASN A 14 -7.98 5.76 10.48
C ASN A 14 -7.17 5.56 11.76
N TYR A 15 -7.54 4.63 12.65
CA TYR A 15 -6.76 4.31 13.84
C TYR A 15 -6.05 3.02 13.56
N MET A 16 -4.76 3.19 13.41
CA MET A 16 -3.84 2.10 13.26
C MET A 16 -4.19 0.94 12.38
N ASP A 17 -4.89 1.26 11.34
CA ASP A 17 -5.30 0.26 10.38
C ASP A 17 -6.18 -0.83 10.98
N THR A 18 -6.58 -0.63 12.20
CA THR A 18 -7.43 -1.61 12.72
C THR A 18 -8.74 -0.94 12.99
N GLN A 19 -8.93 0.34 13.32
CA GLN A 19 -10.27 0.86 13.58
C GLN A 19 -10.50 1.94 12.57
N TYR A 20 -11.51 1.91 11.69
CA TYR A 20 -11.83 3.01 10.77
C TYR A 20 -13.19 3.62 11.13
N TYR A 21 -13.39 4.79 11.73
CA TYR A 21 -14.70 5.20 12.16
C TYR A 21 -15.10 6.51 11.60
N GLY A 22 -16.32 6.86 11.25
CA GLY A 22 -16.64 8.19 10.77
C GLY A 22 -17.58 8.83 11.81
N GLU A 23 -18.37 9.82 11.42
CA GLU A 23 -19.26 10.51 12.33
C GLU A 23 -20.65 10.89 11.86
N ILE A 24 -21.59 10.50 12.71
CA ILE A 24 -22.98 10.81 12.53
C ILE A 24 -23.37 11.72 13.66
N GLY A 25 -24.46 12.46 13.44
CA GLY A 25 -25.04 13.34 14.44
C GLY A 25 -26.48 12.92 14.55
N ILE A 26 -26.92 12.64 15.76
CA ILE A 26 -28.29 12.21 16.02
C ILE A 26 -28.93 13.34 16.79
N GLY A 27 -30.18 13.61 16.56
CA GLY A 27 -30.89 14.59 17.36
C GLY A 27 -30.83 16.00 16.85
N THR A 28 -31.73 16.80 17.38
CA THR A 28 -31.80 18.23 17.10
C THR A 28 -31.77 18.84 18.50
N PRO A 29 -30.76 19.58 18.99
CA PRO A 29 -29.47 19.79 18.38
C PRO A 29 -28.78 18.47 18.06
N PRO A 30 -27.78 18.33 17.21
CA PRO A 30 -27.08 17.08 17.08
C PRO A 30 -25.99 16.93 18.11
N GLN A 31 -25.98 15.62 18.44
CA GLN A 31 -25.09 14.93 19.36
C GLN A 31 -24.21 14.15 18.45
N THR A 32 -22.92 14.47 18.47
CA THR A 32 -21.98 13.89 17.56
C THR A 32 -21.56 12.52 18.01
N PHE A 33 -21.50 11.50 17.16
CA PHE A 33 -21.06 10.21 17.57
C PHE A 33 -20.06 9.71 16.60
N LYS A 34 -19.08 8.96 17.03
CA LYS A 34 -18.18 8.32 16.12
C LYS A 34 -18.75 6.96 15.87
N VAL A 35 -18.73 6.44 14.68
CA VAL A 35 -19.34 5.16 14.36
C VAL A 35 -18.50 4.40 13.37
N VAL A 36 -18.60 3.08 13.26
CA VAL A 36 -17.92 2.30 12.22
C VAL A 36 -19.03 2.05 11.21
N PHE A 37 -18.74 2.08 9.91
CA PHE A 37 -19.79 1.87 8.95
C PHE A 37 -19.45 0.50 8.44
N ASP A 38 -20.26 -0.39 8.93
CA ASP A 38 -19.97 -1.77 8.77
C ASP A 38 -20.95 -2.50 7.92
N THR A 39 -20.53 -3.17 6.85
CA THR A 39 -21.42 -4.00 6.07
C THR A 39 -21.77 -5.39 6.64
N GLY A 40 -21.36 -5.79 7.83
CA GLY A 40 -21.74 -7.09 8.36
C GLY A 40 -23.04 -7.04 9.17
N SER A 41 -23.33 -5.93 9.84
CA SER A 41 -24.50 -5.78 10.69
C SER A 41 -25.52 -4.99 9.89
N SER A 42 -26.74 -4.72 10.39
CA SER A 42 -27.66 -3.84 9.71
C SER A 42 -28.45 -2.99 10.68
N ASN A 43 -28.10 -2.93 11.96
CA ASN A 43 -28.88 -2.09 12.85
C ASN A 43 -27.94 -0.93 13.17
N VAL A 44 -28.48 0.14 13.73
CA VAL A 44 -27.74 1.31 14.10
C VAL A 44 -27.91 1.37 15.61
N TRP A 45 -26.86 1.61 16.37
CA TRP A 45 -26.94 1.80 17.80
C TRP A 45 -25.87 2.76 18.26
N VAL A 46 -25.97 3.28 19.45
CA VAL A 46 -25.07 4.29 19.96
C VAL A 46 -25.14 4.13 21.49
N PRO A 47 -24.24 4.37 22.45
CA PRO A 47 -24.47 4.23 23.89
C PRO A 47 -25.58 5.12 24.39
N SER A 48 -26.36 4.62 25.34
CA SER A 48 -27.48 5.40 25.87
C SER A 48 -27.04 6.14 27.10
N SER A 49 -27.55 7.36 27.28
CA SER A 49 -27.33 8.05 28.52
C SER A 49 -27.81 7.08 29.59
N LYS A 50 -28.88 6.31 29.40
CA LYS A 50 -29.40 5.43 30.41
C LYS A 50 -28.45 4.27 30.74
N CYS A 51 -27.33 4.09 30.08
CA CYS A 51 -26.43 2.97 30.38
C CYS A 51 -25.92 2.97 31.81
N SER A 52 -25.98 2.00 32.70
CA SER A 52 -25.42 2.20 34.03
C SER A 52 -23.95 2.35 33.84
N ARG A 53 -23.35 3.38 34.38
CA ARG A 53 -21.93 3.67 34.26
C ARG A 53 -21.01 2.78 35.10
N LEU A 54 -21.71 1.76 35.61
CA LEU A 54 -21.11 0.63 36.24
C LEU A 54 -20.63 -0.19 35.02
N TYR A 55 -21.01 0.07 33.76
CA TYR A 55 -20.36 -0.55 32.61
C TYR A 55 -19.35 0.50 32.18
N THR A 56 -18.07 0.19 32.35
CA THR A 56 -17.06 1.19 32.10
C THR A 56 -16.95 1.52 30.63
N ALA A 57 -17.37 0.73 29.63
CA ALA A 57 -17.42 1.25 28.29
C ALA A 57 -18.37 2.46 28.26
N CYS A 58 -19.36 2.56 29.12
CA CYS A 58 -20.26 3.64 29.08
C CYS A 58 -19.57 4.73 29.79
N VAL A 59 -18.73 4.60 30.81
CA VAL A 59 -18.17 5.82 31.38
C VAL A 59 -16.96 6.25 30.55
N TYR A 60 -16.81 5.79 29.28
CA TYR A 60 -15.69 6.18 28.42
C TYR A 60 -16.10 6.46 27.00
N HIS A 61 -17.35 6.80 26.76
CA HIS A 61 -17.84 7.00 25.44
C HIS A 61 -19.00 7.95 25.54
N LYS A 62 -19.20 8.62 24.42
CA LYS A 62 -20.37 9.43 24.21
C LYS A 62 -21.69 8.66 24.34
N LEU A 63 -22.64 9.28 25.04
CA LEU A 63 -23.95 8.72 25.28
C LEU A 63 -25.05 9.62 24.71
N PHE A 64 -26.11 9.01 24.19
CA PHE A 64 -27.19 9.75 23.60
C PHE A 64 -28.17 10.12 24.67
N ASP A 65 -28.38 11.40 24.74
CA ASP A 65 -29.33 11.86 25.67
C ASP A 65 -30.61 12.29 24.99
N ALA A 66 -31.67 11.50 25.00
CA ALA A 66 -32.90 11.89 24.35
C ALA A 66 -33.64 13.06 24.97
N SER A 67 -33.46 13.36 26.25
CA SER A 67 -34.10 14.54 26.85
C SER A 67 -33.50 15.85 26.33
N ASP A 68 -32.45 15.84 25.54
CA ASP A 68 -31.92 17.03 24.99
C ASP A 68 -32.32 17.09 23.55
N SER A 69 -33.13 16.14 23.09
CA SER A 69 -33.46 16.17 21.70
C SER A 69 -34.92 16.46 21.66
N SER A 70 -35.23 17.40 20.78
CA SER A 70 -36.60 17.81 20.56
C SER A 70 -37.42 16.86 19.72
N SER A 71 -36.62 16.17 18.87
CA SER A 71 -37.17 15.31 17.86
C SER A 71 -37.19 13.82 18.08
N TYR A 72 -36.70 13.39 19.23
CA TYR A 72 -36.74 12.00 19.56
C TYR A 72 -38.18 11.54 19.60
N LYS A 73 -38.47 10.37 19.06
CA LYS A 73 -39.79 9.79 19.15
C LYS A 73 -39.44 8.43 19.75
N HIS A 74 -39.85 8.37 20.99
CA HIS A 74 -39.70 7.23 21.86
C HIS A 74 -40.35 5.99 21.28
N ASN A 75 -39.69 4.83 21.28
CA ASN A 75 -40.34 3.58 20.94
C ASN A 75 -39.98 2.71 22.12
N GLY A 76 -38.99 1.84 22.31
CA GLY A 76 -38.86 1.13 23.59
C GLY A 76 -38.60 -0.36 23.50
N THR A 77 -38.82 -0.97 22.33
CA THR A 77 -38.60 -2.38 22.19
C THR A 77 -37.17 -2.78 22.40
N GLU A 78 -36.96 -3.76 23.27
CA GLU A 78 -35.65 -4.26 23.59
C GLU A 78 -34.98 -4.79 22.37
N LEU A 79 -33.66 -4.83 22.36
CA LEU A 79 -32.92 -5.25 21.18
C LEU A 79 -31.66 -5.92 21.73
N THR A 80 -31.11 -7.04 21.23
CA THR A 80 -29.78 -7.51 21.66
C THR A 80 -28.96 -7.71 20.39
N LEU A 81 -27.83 -7.07 20.16
CA LEU A 81 -27.07 -7.39 18.99
C LEU A 81 -25.99 -8.33 19.44
N ARG A 82 -25.95 -9.54 18.88
CA ARG A 82 -24.87 -10.50 19.10
C ARG A 82 -23.92 -10.51 17.89
N TYR A 83 -22.85 -9.74 17.96
CA TYR A 83 -21.93 -9.60 16.87
C TYR A 83 -20.96 -10.74 17.06
N SER A 84 -20.03 -10.98 16.12
CA SER A 84 -19.09 -12.08 16.23
C SER A 84 -18.20 -11.97 17.45
N THR A 85 -17.73 -10.75 17.66
CA THR A 85 -16.85 -10.42 18.75
C THR A 85 -17.44 -10.04 20.09
N GLY A 86 -18.72 -9.70 20.21
CA GLY A 86 -19.27 -9.25 21.48
C GLY A 86 -20.68 -8.73 21.31
N THR A 87 -21.28 -8.36 22.40
CA THR A 87 -22.69 -8.14 22.40
C THR A 87 -22.98 -6.92 23.22
N VAL A 88 -24.10 -6.32 22.84
CA VAL A 88 -24.59 -5.12 23.47
C VAL A 88 -26.09 -5.23 23.51
N SER A 89 -26.83 -4.83 24.53
CA SER A 89 -28.26 -4.83 24.38
C SER A 89 -28.77 -3.43 24.74
N GLY A 90 -30.04 -3.08 24.54
CA GLY A 90 -30.59 -1.78 24.85
C GLY A 90 -32.00 -1.74 24.31
N PHE A 91 -32.53 -0.64 23.75
CA PHE A 91 -33.90 -0.52 23.26
C PHE A 91 -34.03 0.38 22.09
N LEU A 92 -35.15 0.43 21.45
CA LEU A 92 -35.24 1.33 20.35
C LEU A 92 -35.84 2.72 20.60
N SER A 93 -35.26 3.60 19.83
CA SER A 93 -35.58 5.00 19.81
C SER A 93 -35.56 5.42 18.34
N GLN A 94 -35.96 6.67 18.09
CA GLN A 94 -36.07 7.17 16.75
C GLN A 94 -35.73 8.61 16.91
N ASP A 95 -34.95 9.15 16.03
CA ASP A 95 -34.58 10.54 16.07
C ASP A 95 -34.08 10.85 14.69
N ILE A 96 -33.60 12.02 14.30
CA ILE A 96 -33.12 12.12 12.95
C ILE A 96 -31.63 11.98 13.04
N ILE A 97 -31.00 11.18 12.17
CA ILE A 97 -29.58 10.94 12.15
C ILE A 97 -29.12 11.70 10.93
N THR A 98 -27.92 12.28 10.89
CA THR A 98 -27.44 13.02 9.75
C THR A 98 -26.25 12.21 9.25
N VAL A 99 -26.15 11.63 8.07
CA VAL A 99 -25.01 10.82 7.66
C VAL A 99 -24.45 11.63 6.54
N GLY A 100 -23.44 12.39 6.90
CA GLY A 100 -22.72 13.32 6.03
C GLY A 100 -23.60 14.03 5.00
N GLY A 101 -24.34 15.11 5.31
CA GLY A 101 -25.24 15.75 4.35
C GLY A 101 -26.69 15.19 4.38
N ILE A 102 -26.92 13.93 4.06
CA ILE A 102 -28.27 13.43 4.00
C ILE A 102 -28.72 13.26 5.44
N THR A 103 -29.92 13.68 5.74
CA THR A 103 -30.55 13.55 7.04
C THR A 103 -31.68 12.57 6.86
N VAL A 104 -31.82 11.63 7.75
CA VAL A 104 -32.81 10.59 7.67
C VAL A 104 -33.36 10.37 9.02
N THR A 105 -34.68 10.28 9.18
CA THR A 105 -35.34 9.79 10.40
C THR A 105 -34.85 8.35 10.57
N GLN A 106 -34.48 7.84 11.73
CA GLN A 106 -33.99 6.52 11.75
C GLN A 106 -34.33 5.89 13.07
N MET A 107 -34.65 4.61 13.00
CA MET A 107 -34.83 3.83 14.22
C MET A 107 -33.46 3.30 14.59
N PHE A 108 -33.05 3.48 15.83
CA PHE A 108 -31.77 2.98 16.31
C PHE A 108 -31.85 2.40 17.68
N GLY A 109 -30.73 1.88 18.15
CA GLY A 109 -30.71 1.26 19.44
C GLY A 109 -29.97 2.20 20.34
N GLU A 110 -30.49 2.46 21.52
CA GLU A 110 -29.73 3.15 22.52
C GLU A 110 -29.22 1.94 23.27
N VAL A 111 -27.90 1.69 23.36
CA VAL A 111 -27.35 0.57 24.11
C VAL A 111 -27.33 0.94 25.56
N THR A 112 -27.86 0.02 26.32
CA THR A 112 -28.01 0.12 27.74
C THR A 112 -26.95 -0.76 28.36
N GLU A 113 -26.34 -1.75 27.71
CA GLU A 113 -25.42 -2.64 28.36
C GLU A 113 -24.30 -2.86 27.39
N MET A 114 -23.06 -2.68 27.77
CA MET A 114 -21.99 -2.66 26.83
C MET A 114 -20.78 -3.24 27.53
N PRO A 115 -20.41 -4.52 27.35
CA PRO A 115 -19.20 -5.13 27.81
C PRO A 115 -17.98 -4.30 27.67
N ALA A 116 -17.10 -4.40 28.66
CA ALA A 116 -15.84 -3.72 28.56
C ALA A 116 -15.03 -4.46 27.57
N LEU A 117 -14.93 -5.77 27.66
CA LEU A 117 -14.21 -6.39 26.60
C LEU A 117 -15.22 -6.87 25.58
N PRO A 118 -15.17 -6.31 24.36
CA PRO A 118 -14.06 -5.57 23.87
C PRO A 118 -14.29 -4.09 23.82
N PHE A 119 -15.45 -3.55 24.19
CA PHE A 119 -15.76 -2.16 23.87
C PHE A 119 -15.05 -1.06 24.66
N MET A 120 -14.08 -1.43 25.49
CA MET A 120 -13.25 -0.52 26.27
C MET A 120 -12.08 -0.15 25.38
N LEU A 121 -11.90 -0.85 24.26
CA LEU A 121 -10.80 -0.62 23.36
C LEU A 121 -11.21 -0.14 21.98
N ALA A 122 -12.47 0.16 21.81
CA ALA A 122 -13.02 0.55 20.54
C ALA A 122 -12.97 2.04 20.45
N GLU A 123 -12.42 2.66 19.41
CA GLU A 123 -12.35 4.10 19.42
C GLU A 123 -13.63 4.60 18.87
N PHE A 124 -14.45 3.78 18.28
CA PHE A 124 -15.68 4.29 17.74
C PHE A 124 -16.70 4.21 18.88
N ASP A 125 -17.78 5.04 18.97
CA ASP A 125 -18.80 4.88 20.00
C ASP A 125 -19.91 3.94 19.52
N GLY A 126 -20.32 4.03 18.27
CA GLY A 126 -21.39 3.19 17.80
C GLY A 126 -21.08 2.57 16.46
N VAL A 127 -22.05 1.85 15.96
CA VAL A 127 -21.98 1.07 14.76
C VAL A 127 -23.10 1.59 13.87
N VAL A 128 -22.90 1.69 12.56
CA VAL A 128 -23.99 2.02 11.68
C VAL A 128 -23.93 0.89 10.70
N GLY A 129 -24.94 0.04 10.63
CA GLY A 129 -24.91 -1.09 9.74
C GLY A 129 -25.36 -0.66 8.37
N MET A 130 -24.61 -1.05 7.33
CA MET A 130 -24.91 -0.81 5.92
C MET A 130 -25.45 -2.10 5.26
N GLY A 131 -25.90 -3.05 6.04
CA GLY A 131 -26.39 -4.32 5.55
C GLY A 131 -27.80 -4.18 5.02
N PHE A 132 -28.41 -5.34 4.76
CA PHE A 132 -29.71 -5.41 4.11
C PHE A 132 -30.77 -5.65 5.14
N ILE A 133 -32.07 -5.53 4.91
CA ILE A 133 -33.01 -5.72 6.04
C ILE A 133 -33.05 -7.14 6.59
N GLU A 134 -32.72 -8.16 5.79
CA GLU A 134 -32.70 -9.54 6.23
C GLU A 134 -31.88 -9.79 7.50
N GLN A 135 -30.95 -8.91 7.87
CA GLN A 135 -30.16 -9.13 9.07
C GLN A 135 -30.48 -8.20 10.20
N ALA A 136 -31.43 -7.29 10.03
CA ALA A 136 -31.65 -6.27 11.03
C ALA A 136 -32.35 -6.93 12.14
N ILE A 137 -31.75 -6.93 13.31
CA ILE A 137 -32.43 -7.51 14.42
C ILE A 137 -33.61 -6.61 14.58
N GLY A 138 -34.73 -7.30 14.61
CA GLY A 138 -36.02 -6.63 14.83
C GLY A 138 -36.58 -5.84 13.64
N ARG A 139 -36.08 -6.13 12.45
CA ARG A 139 -36.56 -5.51 11.21
C ARG A 139 -36.66 -4.00 11.20
N VAL A 140 -35.79 -3.35 11.96
CA VAL A 140 -35.67 -1.92 11.89
C VAL A 140 -35.10 -1.62 10.51
N THR A 141 -35.86 -0.93 9.65
CA THR A 141 -35.35 -0.49 8.35
C THR A 141 -34.04 0.30 8.40
N PRO A 142 -32.99 -0.29 7.86
CA PRO A 142 -31.65 0.21 7.93
C PRO A 142 -31.43 1.52 7.21
N ILE A 143 -30.56 2.37 7.77
CA ILE A 143 -30.28 3.69 7.22
C ILE A 143 -30.09 3.66 5.73
N PHE A 144 -29.43 2.77 5.03
CA PHE A 144 -29.37 2.96 3.61
C PHE A 144 -30.70 2.76 2.91
N ASP A 145 -31.60 1.86 3.31
CA ASP A 145 -32.85 1.72 2.56
C ASP A 145 -33.61 2.98 2.90
N ASN A 146 -33.36 3.60 4.06
CA ASN A 146 -33.99 4.87 4.39
C ASN A 146 -33.47 5.96 3.47
N ILE A 147 -32.14 6.20 3.32
CA ILE A 147 -31.61 7.27 2.48
C ILE A 147 -32.12 7.15 1.07
N ILE A 148 -32.11 5.92 0.57
CA ILE A 148 -32.60 5.67 -0.75
C ILE A 148 -34.04 6.09 -0.80
N SER A 149 -34.89 5.87 0.19
CA SER A 149 -36.20 6.39 -0.01
C SER A 149 -36.26 7.89 -0.21
N GLN A 150 -35.33 8.71 0.27
CA GLN A 150 -35.36 10.17 -0.04
C GLN A 150 -35.42 10.54 -1.54
N GLY A 151 -34.94 9.60 -2.41
CA GLY A 151 -34.75 9.78 -3.85
C GLY A 151 -33.52 10.68 -4.20
N VAL A 152 -32.71 10.99 -3.21
CA VAL A 152 -31.65 11.93 -3.44
C VAL A 152 -30.44 11.37 -4.18
N LEU A 153 -30.12 10.08 -4.06
CA LEU A 153 -28.88 9.66 -4.70
C LEU A 153 -28.91 9.43 -6.22
N LYS A 154 -27.74 9.61 -6.81
CA LYS A 154 -27.58 9.39 -8.22
C LYS A 154 -27.69 7.89 -8.44
N GLU A 155 -26.80 7.19 -7.74
CA GLU A 155 -26.77 5.76 -7.92
C GLU A 155 -27.09 5.10 -6.62
N ASP A 156 -27.82 4.01 -6.64
CA ASP A 156 -28.13 3.30 -5.43
C ASP A 156 -26.89 2.46 -5.13
N VAL A 157 -25.73 3.05 -4.78
CA VAL A 157 -24.51 2.32 -4.38
C VAL A 157 -23.68 3.02 -3.31
N PHE A 158 -22.76 2.32 -2.66
CA PHE A 158 -21.84 3.02 -1.81
C PHE A 158 -20.42 2.47 -1.88
N SER A 159 -19.38 3.28 -1.83
CA SER A 159 -18.05 2.70 -2.00
C SER A 159 -17.13 3.08 -0.87
N PHE A 160 -16.20 2.17 -0.52
CA PHE A 160 -15.25 2.30 0.56
C PHE A 160 -13.80 2.59 0.18
N TYR A 161 -13.14 3.62 0.68
CA TYR A 161 -11.72 3.78 0.49
C TYR A 161 -11.16 3.72 1.90
N TYR A 162 -10.20 2.84 2.19
CA TYR A 162 -9.59 2.73 3.50
C TYR A 162 -8.12 2.98 3.27
N ASN A 163 -7.61 4.09 3.74
CA ASN A 163 -6.22 4.46 3.46
C ASN A 163 -5.21 3.69 4.28
N ARG A 164 -3.92 3.69 3.95
CA ARG A 164 -2.93 3.04 4.76
C ARG A 164 -2.50 3.91 5.94
N ASP A 165 -3.00 5.09 6.29
CA ASP A 165 -2.56 5.91 7.42
C ASP A 165 -1.11 6.43 7.60
N SER A 166 -1.24 7.60 8.32
CA SER A 166 -0.32 8.58 8.99
C SER A 166 -0.29 10.12 8.55
N GLU A 167 -0.80 10.42 7.42
N SER A 171 -2.30 12.18 6.21
CA SER A 171 -3.14 12.32 4.99
C SER A 171 -4.66 12.07 5.35
N LEU A 172 -5.72 11.74 4.52
CA LEU A 172 -7.04 11.35 5.08
C LEU A 172 -7.15 9.84 5.32
N GLY A 173 -7.91 9.47 6.33
CA GLY A 173 -7.99 8.10 6.82
C GLY A 173 -8.82 7.17 5.98
N GLY A 174 -9.85 7.67 5.33
CA GLY A 174 -10.62 6.85 4.42
C GLY A 174 -11.83 7.60 3.98
N GLN A 175 -12.70 7.06 3.13
CA GLN A 175 -13.84 7.81 2.66
C GLN A 175 -14.91 6.85 2.20
N ILE A 176 -16.17 7.16 2.48
CA ILE A 176 -17.32 6.41 2.03
C ILE A 176 -17.99 7.38 1.15
N VAL A 177 -18.57 6.90 0.10
CA VAL A 177 -19.29 7.79 -0.74
C VAL A 177 -20.62 7.13 -0.77
N LEU A 178 -21.63 7.93 -0.58
CA LEU A 178 -22.98 7.48 -0.67
C LEU A 178 -23.48 7.92 -2.03
N GLY A 179 -24.06 7.04 -2.80
CA GLY A 179 -24.55 7.43 -4.12
C GLY A 179 -23.63 7.15 -5.32
N GLY A 180 -22.42 6.62 -5.12
CA GLY A 180 -21.45 6.49 -6.20
C GLY A 180 -20.07 5.96 -5.79
N SER A 181 -18.96 6.40 -6.38
CA SER A 181 -17.65 5.84 -6.09
C SER A 181 -16.70 6.92 -6.51
N ASP A 182 -15.47 7.11 -6.04
CA ASP A 182 -14.74 8.31 -6.39
C ASP A 182 -13.44 8.00 -7.06
N PRO A 183 -13.25 8.18 -8.36
CA PRO A 183 -12.11 7.68 -9.07
C PRO A 183 -10.82 8.43 -8.71
N GLN A 184 -10.72 9.24 -7.64
CA GLN A 184 -9.45 9.81 -7.25
C GLN A 184 -8.65 8.76 -6.49
N HIS A 185 -9.34 7.66 -6.15
CA HIS A 185 -8.93 6.57 -5.28
C HIS A 185 -8.85 5.17 -5.87
N TYR A 186 -9.09 4.95 -7.14
CA TYR A 186 -8.97 3.62 -7.65
C TYR A 186 -8.48 3.79 -9.06
N GLU A 187 -7.79 2.82 -9.56
CA GLU A 187 -7.28 2.91 -10.90
C GLU A 187 -7.59 1.54 -11.48
N GLY A 188 -7.39 1.47 -12.77
CA GLY A 188 -7.79 0.29 -13.48
C GLY A 188 -9.31 0.23 -13.40
N ASN A 189 -9.99 -0.83 -13.80
CA ASN A 189 -11.43 -0.67 -13.68
C ASN A 189 -12.06 -1.82 -12.94
N PHE A 190 -13.33 -1.66 -12.57
CA PHE A 190 -13.95 -2.54 -11.63
C PHE A 190 -14.10 -3.95 -11.97
N HIS A 191 -14.24 -4.79 -10.97
CA HIS A 191 -14.50 -6.19 -11.20
C HIS A 191 -15.61 -6.54 -10.24
N TYR A 192 -16.76 -6.76 -10.87
CA TYR A 192 -17.98 -7.01 -10.14
C TYR A 192 -18.22 -8.48 -9.91
N ILE A 193 -18.52 -8.96 -8.74
CA ILE A 193 -18.81 -10.34 -8.44
C ILE A 193 -20.26 -10.19 -8.00
N ASN A 194 -21.19 -11.03 -8.44
CA ASN A 194 -22.57 -10.87 -7.95
C ASN A 194 -22.71 -11.44 -6.55
N LEU A 195 -23.74 -10.99 -5.81
CA LEU A 195 -23.99 -11.48 -4.47
C LEU A 195 -24.55 -12.87 -4.63
N ILE A 196 -24.32 -13.77 -3.69
CA ILE A 196 -24.88 -15.10 -3.78
C ILE A 196 -26.38 -15.29 -3.40
N LYS A 197 -27.02 -14.37 -2.64
CA LYS A 197 -28.47 -14.30 -2.31
C LYS A 197 -28.76 -12.87 -1.83
N THR A 198 -29.99 -12.31 -1.73
CA THR A 198 -30.00 -10.94 -1.19
C THR A 198 -30.33 -11.10 0.27
N GLY A 199 -29.73 -10.15 0.99
CA GLY A 199 -29.82 -10.13 2.41
C GLY A 199 -28.40 -9.92 2.92
N VAL A 200 -27.35 -10.35 2.18
CA VAL A 200 -26.01 -10.38 2.73
C VAL A 200 -24.94 -9.89 1.77
N TRP A 201 -23.96 -9.14 2.27
CA TRP A 201 -22.88 -8.76 1.43
C TRP A 201 -21.97 -9.97 1.46
N GLN A 202 -22.35 -11.01 0.72
CA GLN A 202 -21.65 -12.30 0.74
C GLN A 202 -21.36 -12.72 -0.67
N ILE A 203 -20.23 -13.33 -0.98
CA ILE A 203 -19.95 -13.72 -2.39
C ILE A 203 -19.25 -15.08 -2.40
N GLN A 204 -19.04 -15.68 -3.58
CA GLN A 204 -18.50 -16.99 -3.50
C GLN A 204 -17.08 -16.88 -3.84
N MET A 205 -16.33 -17.61 -3.04
CA MET A 205 -14.90 -17.69 -3.18
C MET A 205 -14.44 -19.13 -3.45
N LYS A 206 -13.57 -19.34 -4.44
CA LYS A 206 -13.08 -20.67 -4.78
C LYS A 206 -11.61 -20.86 -5.04
N GLY A 207 -10.91 -20.80 -3.90
CA GLY A 207 -9.47 -21.04 -3.77
C GLY A 207 -8.64 -20.00 -3.01
N VAL A 208 -7.94 -20.33 -1.95
CA VAL A 208 -7.03 -19.43 -1.33
C VAL A 208 -5.76 -20.13 -1.72
N SER A 209 -4.72 -19.40 -2.06
CA SER A 209 -3.48 -20.07 -2.41
C SER A 209 -2.30 -19.46 -1.64
N VAL A 210 -1.61 -20.16 -0.77
CA VAL A 210 -0.47 -19.61 -0.05
C VAL A 210 0.67 -19.76 -1.06
N GLY A 211 1.44 -18.73 -1.46
CA GLY A 211 2.45 -18.92 -2.49
C GLY A 211 1.84 -19.44 -3.78
N SER A 212 2.51 -20.45 -4.29
CA SER A 212 2.19 -20.94 -5.61
C SER A 212 1.04 -21.89 -5.77
N SER A 213 0.44 -22.53 -4.74
CA SER A 213 -0.48 -23.63 -5.06
C SER A 213 -1.69 -23.74 -4.13
N THR A 214 -2.94 -23.82 -4.64
CA THR A 214 -4.11 -23.79 -3.78
C THR A 214 -4.15 -24.70 -2.58
N LEU A 215 -3.65 -24.25 -1.46
CA LEU A 215 -3.87 -25.03 -0.28
C LEU A 215 -5.35 -24.98 0.17
N LEU A 216 -6.23 -24.06 -0.24
CA LEU A 216 -7.48 -23.96 0.51
C LEU A 216 -8.70 -23.46 -0.20
N CYS A 217 -9.83 -23.66 0.47
CA CYS A 217 -11.15 -23.38 -0.08
C CYS A 217 -11.21 -23.89 -1.53
N GLU A 218 -10.48 -24.99 -1.82
CA GLU A 218 -10.42 -25.52 -3.17
C GLU A 218 -11.79 -26.05 -3.62
N ASP A 219 -12.66 -26.32 -2.64
CA ASP A 219 -13.99 -26.66 -3.08
C ASP A 219 -15.10 -25.57 -3.01
N GLY A 220 -14.71 -24.26 -2.95
CA GLY A 220 -15.70 -23.16 -2.97
C GLY A 220 -16.20 -22.83 -1.59
N CYS A 221 -15.66 -21.76 -1.08
CA CYS A 221 -16.16 -21.26 0.16
C CYS A 221 -16.83 -19.91 -0.07
N LEU A 222 -17.32 -19.28 1.02
CA LEU A 222 -18.00 -18.02 0.96
C LEU A 222 -17.08 -16.96 1.59
N ALA A 223 -17.36 -15.70 1.42
CA ALA A 223 -16.58 -14.64 2.02
C ALA A 223 -17.48 -13.46 2.37
N LEU A 224 -17.69 -13.07 3.60
CA LEU A 224 -18.46 -11.89 3.90
C LEU A 224 -17.56 -10.75 3.47
N VAL A 225 -17.93 -9.67 2.78
CA VAL A 225 -16.96 -8.63 2.48
C VAL A 225 -17.36 -7.63 3.53
N ASP A 226 -16.55 -7.52 4.59
CA ASP A 226 -16.90 -6.82 5.82
C ASP A 226 -16.20 -5.52 6.20
N THR A 227 -16.65 -4.34 5.81
CA THR A 227 -15.98 -3.10 6.17
C THR A 227 -15.79 -2.85 7.64
N GLY A 228 -16.58 -3.39 8.52
CA GLY A 228 -16.42 -3.20 9.95
C GLY A 228 -15.60 -4.31 10.62
N ALA A 229 -14.56 -4.80 9.95
CA ALA A 229 -13.67 -5.82 10.51
C ALA A 229 -12.23 -5.45 10.18
N SER A 230 -11.32 -5.45 11.14
CA SER A 230 -9.98 -5.00 10.86
C SER A 230 -9.25 -6.03 10.05
N TYR A 231 -9.54 -7.34 10.14
CA TYR A 231 -8.69 -8.32 9.47
C TYR A 231 -9.29 -9.10 8.35
N ILE A 232 -8.54 -10.03 7.77
CA ILE A 232 -9.12 -11.03 6.90
C ILE A 232 -9.27 -12.23 7.85
N SER A 233 -10.31 -13.05 7.78
CA SER A 233 -10.47 -14.16 8.69
C SER A 233 -11.11 -15.30 7.99
N GLY A 234 -10.72 -16.45 8.46
CA GLY A 234 -11.31 -17.68 8.02
C GLY A 234 -11.59 -18.47 9.27
N SER A 235 -12.28 -19.57 9.12
CA SER A 235 -12.60 -20.42 10.24
C SER A 235 -11.34 -21.02 10.82
N THR A 236 -11.39 -21.43 12.07
CA THR A 236 -10.21 -21.93 12.74
C THR A 236 -9.55 -23.10 12.01
N SER A 237 -10.26 -23.99 11.30
CA SER A 237 -9.55 -24.99 10.49
C SER A 237 -8.89 -24.19 9.37
N SER A 238 -9.55 -23.56 8.38
CA SER A 238 -8.85 -22.99 7.23
C SER A 238 -7.67 -22.09 7.55
N ILE A 239 -7.82 -21.38 8.66
CA ILE A 239 -6.77 -20.54 9.16
C ILE A 239 -5.65 -21.42 9.65
N GLU A 240 -5.82 -22.39 10.52
CA GLU A 240 -4.67 -23.15 11.00
C GLU A 240 -3.80 -23.69 9.92
N LYS A 241 -4.32 -24.18 8.79
CA LYS A 241 -3.44 -24.76 7.80
C LYS A 241 -2.75 -23.65 7.03
N LEU A 242 -3.41 -22.51 6.88
CA LEU A 242 -2.77 -21.39 6.26
C LEU A 242 -1.63 -21.05 7.19
N MET A 243 -1.88 -20.91 8.46
CA MET A 243 -0.85 -20.46 9.34
C MET A 243 0.28 -21.46 9.45
N GLU A 244 -0.02 -22.77 9.45
CA GLU A 244 0.95 -23.88 9.53
C GLU A 244 1.93 -23.67 8.38
N ALA A 245 1.34 -23.50 7.21
CA ALA A 245 2.06 -23.21 5.99
C ALA A 245 2.92 -21.97 6.14
N LEU A 246 2.41 -20.86 6.69
CA LEU A 246 3.25 -19.69 6.70
C LEU A 246 4.32 -19.88 7.74
N GLY A 247 4.08 -20.59 8.83
CA GLY A 247 5.11 -20.76 9.85
C GLY A 247 4.88 -19.84 11.05
N ALA A 248 3.63 -19.34 11.12
CA ALA A 248 3.23 -18.39 12.16
C ALA A 248 2.84 -19.14 13.42
N LYS A 249 2.94 -18.54 14.61
CA LYS A 249 2.58 -19.19 15.90
C LYS A 249 1.30 -18.56 16.55
N LYS A 250 0.64 -18.94 17.67
CA LYS A 250 -0.57 -18.21 18.11
C LYS A 250 -0.31 -17.45 19.39
N ARG A 251 -0.29 -16.13 19.59
CA ARG A 251 -0.09 -15.57 20.93
C ARG A 251 -1.55 -15.25 21.29
N LEU A 252 -2.32 -16.34 21.47
CA LEU A 252 -3.73 -16.28 21.89
C LEU A 252 -4.80 -15.60 20.97
N PHE A 253 -4.68 -14.32 20.65
CA PHE A 253 -5.68 -13.68 19.83
C PHE A 253 -5.26 -13.54 18.37
N ASP A 254 -4.06 -13.93 18.03
CA ASP A 254 -3.59 -13.65 16.71
C ASP A 254 -2.40 -14.56 16.47
N TYR A 255 -1.97 -14.59 15.22
CA TYR A 255 -0.82 -15.35 14.85
C TYR A 255 0.34 -14.39 14.76
N VAL A 256 1.54 -14.85 14.95
CA VAL A 256 2.70 -14.00 14.99
C VAL A 256 3.78 -14.54 14.06
N VAL A 257 4.80 -13.76 13.76
CA VAL A 257 5.91 -14.34 13.08
C VAL A 257 7.12 -13.64 13.58
N LYS A 258 8.30 -14.21 13.41
CA LYS A 258 9.51 -13.65 13.98
C LYS A 258 9.75 -12.55 12.98
N CYS A 259 9.87 -11.27 13.31
CA CYS A 259 9.87 -10.26 12.28
C CYS A 259 10.81 -10.38 11.09
N ASN A 260 12.07 -10.75 11.15
CA ASN A 260 12.90 -10.94 9.97
C ASN A 260 12.27 -11.83 8.91
N GLU A 261 11.31 -12.73 9.23
CA GLU A 261 10.76 -13.63 8.22
C GLU A 261 9.70 -12.96 7.37
N GLY A 262 9.05 -11.94 7.95
CA GLY A 262 7.89 -11.24 7.41
C GLY A 262 8.02 -10.92 5.93
N PRO A 263 9.05 -10.19 5.53
CA PRO A 263 9.28 -9.80 4.17
C PRO A 263 9.62 -10.93 3.25
N THR A 264 9.38 -12.18 3.66
CA THR A 264 9.66 -13.43 2.96
C THR A 264 8.36 -14.23 2.76
N LEU A 265 7.41 -14.10 3.67
CA LEU A 265 6.17 -14.84 3.65
C LEU A 265 5.47 -14.84 2.30
N PRO A 266 4.99 -15.91 1.69
CA PRO A 266 4.48 -15.91 0.34
C PRO A 266 3.30 -14.98 0.06
N ASP A 267 3.17 -14.40 -1.14
CA ASP A 267 2.00 -13.63 -1.54
C ASP A 267 0.82 -14.56 -1.26
N ILE A 268 -0.31 -14.24 -0.65
CA ILE A 268 -1.36 -15.24 -0.58
C ILE A 268 -2.45 -14.75 -1.50
N SER A 269 -3.21 -15.57 -2.20
CA SER A 269 -4.16 -15.04 -3.15
C SER A 269 -5.55 -15.59 -2.98
N PHE A 270 -6.48 -14.69 -3.13
CA PHE A 270 -7.89 -14.86 -3.03
C PHE A 270 -8.43 -14.95 -4.43
N HIS A 271 -9.07 -16.02 -4.88
CA HIS A 271 -9.52 -16.10 -6.27
C HIS A 271 -11.03 -15.82 -6.36
N LEU A 272 -11.42 -14.60 -5.96
CA LEU A 272 -12.80 -14.14 -6.02
C LEU A 272 -13.20 -14.00 -7.44
N GLY A 273 -14.33 -14.72 -7.59
CA GLY A 273 -15.09 -14.95 -8.82
C GLY A 273 -14.57 -14.12 -9.97
N GLY A 274 -13.79 -14.69 -10.89
CA GLY A 274 -13.23 -13.93 -12.01
C GLY A 274 -11.72 -13.93 -11.82
N LYS A 275 -11.25 -13.01 -10.95
CA LYS A 275 -9.81 -12.72 -10.72
C LYS A 275 -8.99 -13.29 -9.56
N GLU A 276 -7.71 -12.90 -9.46
CA GLU A 276 -6.75 -13.53 -8.57
C GLU A 276 -6.24 -12.31 -7.85
N TYR A 277 -7.00 -12.03 -6.77
CA TYR A 277 -6.83 -10.86 -5.88
C TYR A 277 -5.72 -11.25 -4.96
N THR A 278 -4.67 -10.50 -4.72
CA THR A 278 -3.53 -11.14 -4.08
C THR A 278 -2.68 -10.21 -3.25
N LEU A 279 -2.48 -10.58 -2.01
CA LEU A 279 -1.79 -9.71 -1.10
C LEU A 279 -0.34 -10.10 -0.95
N THR A 280 0.64 -9.29 -1.26
CA THR A 280 1.99 -9.64 -0.90
C THR A 280 2.15 -9.49 0.60
N SER A 281 3.30 -9.82 1.19
CA SER A 281 3.50 -9.76 2.63
C SER A 281 3.72 -8.37 3.24
N ALA A 282 3.44 -7.29 2.48
CA ALA A 282 3.44 -5.96 3.04
C ALA A 282 1.97 -6.05 3.44
N ASP A 283 1.07 -6.12 2.47
CA ASP A 283 -0.36 -6.21 2.68
C ASP A 283 -0.81 -7.00 3.93
N TYR A 284 -0.31 -8.20 4.22
CA TYR A 284 -0.80 -8.84 5.42
C TYR A 284 0.08 -8.80 6.65
N VAL A 285 1.27 -8.21 6.72
CA VAL A 285 2.10 -8.26 7.92
C VAL A 285 2.35 -6.88 8.53
N PHE A 286 2.18 -6.74 9.82
CA PHE A 286 2.47 -5.50 10.47
C PHE A 286 3.96 -5.41 10.70
N GLN A 287 4.83 -4.99 9.76
CA GLN A 287 6.30 -4.88 9.99
C GLN A 287 6.75 -3.75 10.95
N GLU A 288 6.49 -4.03 12.24
CA GLU A 288 6.81 -3.16 13.39
C GLU A 288 8.34 -3.06 13.48
N SER A 289 9.06 -4.01 12.83
CA SER A 289 10.52 -4.05 12.78
C SER A 289 11.08 -5.12 11.81
N TYR A 290 12.39 -5.31 11.82
CA TYR A 290 12.90 -6.28 10.89
C TYR A 290 13.89 -7.22 11.57
N SER A 291 13.76 -7.26 12.91
CA SER A 291 14.68 -8.00 13.75
C SER A 291 14.68 -9.47 13.47
N SER A 292 15.72 -10.09 14.02
CA SER A 292 15.84 -11.52 14.09
C SER A 292 14.87 -11.84 15.20
N LYS A 293 14.93 -11.36 16.45
CA LYS A 293 13.82 -11.72 17.29
C LYS A 293 13.17 -10.69 18.15
N LYS A 294 11.91 -10.74 17.72
CA LYS A 294 10.79 -9.90 18.07
C LYS A 294 9.67 -10.42 17.21
N LEU A 295 8.41 -10.09 17.46
CA LEU A 295 7.36 -10.75 16.73
C LEU A 295 6.40 -9.71 16.26
N CYS A 296 6.23 -9.85 14.95
CA CYS A 296 5.36 -9.03 14.16
C CYS A 296 4.06 -9.81 13.97
N THR A 297 2.93 -9.17 14.29
CA THR A 297 1.65 -9.83 14.19
C THR A 297 1.18 -9.99 12.76
N LEU A 298 0.37 -10.95 12.34
CA LEU A 298 -0.07 -10.93 10.97
C LEU A 298 -1.49 -10.49 10.97
N ALA A 299 -1.91 -9.87 9.91
CA ALA A 299 -3.26 -9.39 9.75
C ALA A 299 -4.36 -10.34 9.33
N ILE A 300 -4.29 -11.61 9.73
CA ILE A 300 -5.33 -12.55 9.39
C ILE A 300 -5.65 -13.21 10.70
N HIS A 301 -6.92 -13.37 11.03
CA HIS A 301 -7.38 -13.91 12.31
C HIS A 301 -8.21 -15.11 12.03
N ALA A 302 -8.28 -16.06 12.94
CA ALA A 302 -9.30 -17.10 12.85
C ALA A 302 -10.59 -16.47 13.39
N MET A 303 -11.83 -16.68 12.94
CA MET A 303 -13.01 -16.06 13.54
C MET A 303 -14.12 -16.95 13.09
N ASP A 304 -14.78 -17.68 14.00
CA ASP A 304 -15.84 -18.55 13.52
C ASP A 304 -17.18 -17.86 13.47
N ILE A 305 -17.50 -17.15 12.38
CA ILE A 305 -18.77 -16.49 12.19
C ILE A 305 -19.77 -17.62 12.20
N PRO A 306 -20.84 -17.39 12.92
CA PRO A 306 -21.85 -18.38 13.27
C PRO A 306 -22.82 -18.82 12.18
N PRO A 307 -23.36 -20.05 12.38
CA PRO A 307 -24.24 -20.75 11.47
C PRO A 307 -25.15 -19.82 10.72
N PRO A 308 -25.91 -18.89 11.35
CA PRO A 308 -26.74 -17.90 10.69
C PRO A 308 -26.54 -17.76 9.18
N THR A 309 -25.44 -17.04 9.00
CA THR A 309 -25.03 -16.53 7.71
C THR A 309 -24.26 -17.75 7.23
N GLY A 310 -23.30 -18.18 8.04
CA GLY A 310 -22.52 -19.37 7.79
C GLY A 310 -21.38 -19.30 8.77
N PRO A 311 -20.55 -20.33 8.87
CA PRO A 311 -19.08 -20.16 8.85
C PRO A 311 -18.70 -19.46 7.51
N THR A 312 -17.82 -18.45 7.41
CA THR A 312 -17.51 -17.79 6.13
C THR A 312 -16.18 -17.14 6.34
N TRP A 313 -15.49 -16.79 5.26
CA TRP A 313 -14.26 -16.03 5.41
C TRP A 313 -14.75 -14.60 5.46
N ALA A 314 -14.22 -13.68 6.25
CA ALA A 314 -14.77 -12.36 6.25
C ALA A 314 -13.64 -11.57 5.62
N LEU A 315 -13.81 -10.88 4.50
CA LEU A 315 -12.74 -10.08 3.95
C LEU A 315 -12.92 -8.70 4.53
N GLY A 316 -12.14 -8.40 5.56
CA GLY A 316 -12.20 -7.13 6.24
C GLY A 316 -11.23 -6.08 5.75
N ALA A 317 -10.72 -5.20 6.63
CA ALA A 317 -9.93 -4.06 6.24
C ALA A 317 -8.52 -4.40 5.79
N THR A 318 -7.95 -5.61 5.88
CA THR A 318 -6.68 -5.92 5.26
C THR A 318 -6.96 -5.91 3.76
N PHE A 319 -8.13 -6.28 3.26
CA PHE A 319 -8.37 -6.37 1.82
C PHE A 319 -8.94 -5.14 1.22
N ILE A 320 -9.87 -4.50 1.86
CA ILE A 320 -10.44 -3.24 1.36
C ILE A 320 -9.40 -2.15 1.29
N ARG A 321 -8.25 -2.24 1.93
CA ARG A 321 -7.33 -1.15 1.79
C ARG A 321 -6.50 -1.39 0.57
N LYS A 322 -6.41 -2.64 0.07
CA LYS A 322 -5.69 -2.81 -1.19
C LYS A 322 -6.67 -2.62 -2.32
N PHE A 323 -7.97 -2.93 -2.23
CA PHE A 323 -8.85 -2.74 -3.37
C PHE A 323 -10.16 -2.08 -3.00
N TYR A 324 -10.36 -0.90 -3.63
CA TYR A 324 -11.48 0.00 -3.45
C TYR A 324 -12.66 -0.89 -3.62
N THR A 325 -13.63 -0.92 -2.71
CA THR A 325 -14.77 -1.80 -2.78
C THR A 325 -16.05 -1.11 -3.16
N GLU A 326 -16.77 -1.39 -4.23
CA GLU A 326 -17.99 -0.65 -4.48
C GLU A 326 -19.09 -1.62 -4.14
N PHE A 327 -19.91 -1.20 -3.23
CA PHE A 327 -21.02 -2.02 -2.87
C PHE A 327 -22.24 -1.66 -3.69
N ASP A 328 -22.73 -2.52 -4.59
CA ASP A 328 -23.88 -2.21 -5.49
C ASP A 328 -25.19 -2.95 -5.24
N ARG A 329 -26.09 -2.15 -4.72
CA ARG A 329 -27.41 -2.65 -4.37
C ARG A 329 -28.28 -2.71 -5.61
N ARG A 330 -28.29 -1.71 -6.51
CA ARG A 330 -29.23 -1.77 -7.62
C ARG A 330 -29.03 -3.06 -8.38
N ASN A 331 -27.80 -3.55 -8.59
CA ASN A 331 -27.64 -4.76 -9.35
C ASN A 331 -27.16 -5.93 -8.54
N ASN A 332 -27.36 -5.81 -7.23
CA ASN A 332 -26.97 -6.82 -6.31
C ASN A 332 -25.63 -7.52 -6.50
N ARG A 333 -24.56 -6.75 -6.58
CA ARG A 333 -23.25 -7.31 -6.74
C ARG A 333 -22.20 -6.45 -6.06
N ILE A 334 -20.98 -6.93 -5.74
CA ILE A 334 -19.90 -6.12 -5.12
C ILE A 334 -18.86 -5.93 -6.20
N GLY A 335 -18.13 -4.83 -6.34
CA GLY A 335 -17.12 -4.72 -7.38
C GLY A 335 -15.81 -4.27 -6.80
N PHE A 336 -14.65 -4.85 -7.11
CA PHE A 336 -13.39 -4.43 -6.53
C PHE A 336 -12.51 -3.88 -7.63
N ALA A 337 -11.74 -2.89 -7.30
CA ALA A 337 -10.87 -2.33 -8.25
C ALA A 337 -9.79 -1.81 -7.40
N LEU A 338 -8.61 -1.53 -7.99
CA LEU A 338 -7.40 -1.24 -7.24
C LEU A 338 -7.21 0.04 -6.47
N ALA A 339 -6.77 0.09 -5.24
CA ALA A 339 -6.67 1.38 -4.55
C ALA A 339 -5.48 2.25 -4.90
N ARG A 340 -5.83 3.53 -5.11
CA ARG A 340 -4.87 4.56 -5.40
C ARG A 340 -4.75 5.09 -3.98
N ASN B 5 -7.11 10.41 -20.97
CA ASN B 5 -7.02 11.34 -19.84
C ASN B 5 -6.46 10.69 -18.52
N THR B 6 -5.44 9.79 -18.49
CA THR B 6 -5.06 9.07 -17.25
C THR B 6 -3.64 9.08 -16.73
N THR B 7 -3.63 8.71 -15.43
CA THR B 7 -2.50 8.64 -14.51
C THR B 7 -2.55 7.25 -13.83
N SER B 8 -1.47 6.54 -13.50
CA SER B 8 -1.54 5.26 -12.83
C SER B 8 -0.40 5.16 -11.80
N SER B 9 -0.68 5.05 -10.50
CA SER B 9 0.36 4.97 -9.48
C SER B 9 0.53 3.54 -9.01
N VAL B 10 1.79 3.09 -8.80
CA VAL B 10 2.07 1.80 -8.21
C VAL B 10 2.61 2.11 -6.84
N ILE B 11 2.04 1.51 -5.82
CA ILE B 11 2.42 1.81 -4.46
C ILE B 11 3.65 0.98 -4.16
N LEU B 12 4.60 1.63 -3.54
CA LEU B 12 5.86 1.02 -3.17
C LEU B 12 5.98 0.75 -1.65
N THR B 13 6.76 -0.31 -1.40
CA THR B 13 6.97 -0.76 -0.06
C THR B 13 8.37 -0.34 0.29
N ASN B 14 8.75 0.14 1.46
CA ASN B 14 10.10 0.65 1.67
C ASN B 14 10.71 -0.32 2.58
N TYR B 15 11.70 -1.06 2.20
CA TYR B 15 12.26 -2.04 3.08
C TYR B 15 13.48 -1.40 3.66
N MET B 16 13.55 -1.09 4.96
CA MET B 16 14.79 -0.66 5.60
C MET B 16 15.55 0.50 4.96
N ASP B 17 14.84 1.38 4.25
CA ASP B 17 15.36 2.55 3.56
C ASP B 17 16.41 2.23 2.51
N THR B 18 16.79 0.98 2.32
CA THR B 18 17.69 0.72 1.25
C THR B 18 17.10 -0.03 0.04
N GLN B 19 15.81 -0.48 0.00
CA GLN B 19 15.22 -1.07 -1.21
C GLN B 19 13.80 -0.63 -1.29
N TYR B 20 13.22 -0.29 -2.42
CA TYR B 20 11.85 0.15 -2.51
C TYR B 20 11.47 -0.62 -3.75
N TYR B 21 10.40 -1.37 -3.71
CA TYR B 21 9.98 -2.21 -4.81
C TYR B 21 8.46 -2.18 -4.79
N GLY B 22 7.85 -2.38 -5.92
CA GLY B 22 6.41 -2.37 -6.00
C GLY B 22 6.01 -3.54 -6.84
N GLU B 23 4.78 -3.78 -7.33
CA GLU B 23 4.47 -4.92 -8.20
C GLU B 23 3.71 -4.75 -9.49
N ILE B 24 4.34 -5.45 -10.45
CA ILE B 24 3.81 -5.62 -11.78
C ILE B 24 3.36 -7.05 -11.85
N GLY B 25 2.40 -7.30 -12.73
CA GLY B 25 1.92 -8.65 -12.92
C GLY B 25 2.34 -9.05 -14.32
N ILE B 26 2.85 -10.25 -14.59
CA ILE B 26 3.17 -10.61 -15.97
C ILE B 26 2.24 -11.79 -16.31
N GLY B 27 1.80 -12.06 -17.54
CA GLY B 27 1.09 -13.32 -17.79
C GLY B 27 -0.42 -13.18 -17.91
N THR B 28 -1.14 -14.20 -18.36
CA THR B 28 -2.60 -14.22 -18.41
C THR B 28 -2.85 -15.58 -17.88
N PRO B 29 -3.50 -15.73 -16.74
CA PRO B 29 -3.65 -14.68 -15.74
C PRO B 29 -2.26 -14.13 -15.30
N PRO B 30 -2.21 -12.93 -14.73
CA PRO B 30 -1.24 -12.53 -13.74
C PRO B 30 -0.57 -13.61 -12.91
N GLN B 31 0.77 -13.39 -12.83
CA GLN B 31 1.75 -14.03 -11.93
C GLN B 31 2.52 -12.82 -11.42
N THR B 32 2.16 -12.31 -10.22
CA THR B 32 2.67 -11.06 -9.68
C THR B 32 4.15 -11.20 -9.26
N PHE B 33 5.05 -10.26 -9.57
CA PHE B 33 6.45 -10.37 -9.15
C PHE B 33 6.78 -9.16 -8.30
N LYS B 34 7.67 -9.05 -7.30
CA LYS B 34 7.98 -7.74 -6.65
C LYS B 34 9.01 -7.05 -7.54
N VAL B 35 8.92 -5.87 -8.15
CA VAL B 35 10.01 -5.33 -8.96
C VAL B 35 10.58 -4.00 -8.48
N VAL B 36 11.72 -3.59 -8.96
CA VAL B 36 12.24 -2.33 -8.52
C VAL B 36 12.11 -1.52 -9.77
N PHE B 37 11.74 -0.26 -9.70
CA PHE B 37 11.57 0.52 -10.91
C PHE B 37 12.83 1.35 -10.91
N ASP B 38 13.67 1.05 -11.89
CA ASP B 38 15.00 1.58 -11.99
C ASP B 38 15.23 2.63 -13.05
N THR B 39 15.44 3.93 -12.80
CA THR B 39 15.77 4.85 -13.88
C THR B 39 17.20 4.67 -14.29
N GLY B 40 17.84 3.54 -14.02
CA GLY B 40 19.25 3.38 -14.31
C GLY B 40 19.49 2.27 -15.32
N SER B 41 18.48 1.63 -15.87
CA SER B 41 18.75 0.73 -16.97
C SER B 41 17.48 0.66 -17.77
N SER B 42 17.50 -0.04 -18.90
CA SER B 42 16.27 -0.10 -19.64
C SER B 42 15.62 -1.44 -19.89
N ASN B 43 16.06 -2.56 -19.33
CA ASN B 43 15.47 -3.85 -19.70
C ASN B 43 14.57 -4.32 -18.57
N VAL B 44 13.55 -5.10 -18.88
CA VAL B 44 12.68 -5.64 -17.85
C VAL B 44 13.17 -7.06 -17.73
N TRP B 45 13.24 -7.58 -16.49
CA TRP B 45 13.61 -8.96 -16.28
C TRP B 45 13.04 -9.48 -15.01
N VAL B 46 12.79 -10.81 -14.99
CA VAL B 46 12.24 -11.59 -13.88
C VAL B 46 12.86 -12.98 -13.80
N PRO B 47 12.96 -13.73 -12.67
CA PRO B 47 13.47 -15.10 -12.55
C PRO B 47 12.67 -16.07 -13.39
N SER B 48 13.22 -17.02 -14.14
CA SER B 48 12.37 -17.89 -14.95
C SER B 48 12.26 -19.23 -14.34
N SER B 49 11.21 -19.94 -14.65
CA SER B 49 11.00 -21.32 -14.24
C SER B 49 12.02 -22.28 -14.86
N LYS B 50 13.01 -21.76 -15.58
CA LYS B 50 14.08 -22.58 -16.13
C LYS B 50 15.31 -22.24 -15.33
N CYS B 51 15.21 -21.37 -14.34
CA CYS B 51 16.36 -20.91 -13.59
C CYS B 51 16.61 -22.03 -12.58
N SER B 52 17.65 -22.66 -13.04
CA SER B 52 18.33 -23.82 -12.50
C SER B 52 18.45 -24.30 -11.04
N ARG B 53 17.55 -24.20 -10.00
CA ARG B 53 17.69 -24.81 -8.62
C ARG B 53 18.94 -24.55 -7.77
N LEU B 54 20.00 -25.00 -8.35
CA LEU B 54 21.34 -24.80 -7.86
C LEU B 54 21.64 -23.35 -7.30
N TYR B 55 21.27 -22.19 -7.97
CA TYR B 55 21.61 -20.86 -7.49
C TYR B 55 20.51 -20.47 -6.50
N THR B 56 20.83 -20.33 -5.20
CA THR B 56 19.87 -19.93 -4.15
C THR B 56 19.00 -18.70 -4.51
N ALA B 57 19.53 -17.86 -5.40
CA ALA B 57 18.77 -16.76 -5.90
C ALA B 57 17.59 -17.29 -6.74
N CYS B 58 17.75 -18.30 -7.58
CA CYS B 58 16.54 -18.77 -8.21
C CYS B 58 15.67 -19.41 -7.18
N VAL B 59 16.22 -20.01 -6.12
CA VAL B 59 15.32 -20.65 -5.16
C VAL B 59 14.58 -19.72 -4.19
N TYR B 60 14.98 -18.45 -4.02
CA TYR B 60 14.10 -17.69 -3.14
C TYR B 60 13.15 -16.83 -3.88
N HIS B 61 13.61 -16.21 -4.96
CA HIS B 61 12.73 -15.30 -5.67
C HIS B 61 11.57 -16.02 -6.37
N LYS B 62 10.42 -15.38 -6.58
CA LYS B 62 9.36 -16.05 -7.31
C LYS B 62 9.78 -16.26 -8.77
N LEU B 63 9.19 -17.20 -9.52
CA LEU B 63 9.58 -17.36 -10.92
C LEU B 63 8.40 -17.38 -11.89
N PHE B 64 8.75 -16.77 -13.00
CA PHE B 64 7.88 -16.69 -14.12
C PHE B 64 7.82 -18.08 -14.73
N ASP B 65 6.69 -18.47 -15.33
CA ASP B 65 6.46 -19.82 -15.77
C ASP B 65 5.50 -19.80 -16.98
N ALA B 66 5.99 -19.67 -18.22
CA ALA B 66 5.16 -19.55 -19.44
C ALA B 66 4.10 -20.61 -19.74
N SER B 67 4.24 -21.82 -19.19
CA SER B 67 3.23 -22.87 -19.34
C SER B 67 1.96 -22.26 -18.73
N ASP B 68 2.00 -21.58 -17.59
CA ASP B 68 0.80 -20.95 -17.09
C ASP B 68 0.56 -19.57 -17.75
N SER B 69 0.89 -19.37 -19.05
CA SER B 69 0.56 -18.10 -19.60
C SER B 69 0.24 -18.15 -21.07
N SER B 70 -1.03 -17.89 -20.99
CA SER B 70 -1.89 -17.74 -22.12
C SER B 70 -1.46 -16.60 -23.02
N SER B 71 -0.28 -15.94 -22.95
CA SER B 71 0.05 -14.84 -23.86
C SER B 71 1.56 -14.82 -24.16
N TYR B 72 2.20 -15.86 -23.65
CA TYR B 72 3.61 -15.95 -23.82
C TYR B 72 3.79 -16.11 -25.32
N LYS B 73 4.45 -15.23 -25.97
CA LYS B 73 4.78 -15.53 -27.33
C LYS B 73 6.28 -15.83 -27.22
N HIS B 74 6.57 -17.10 -27.46
CA HIS B 74 7.96 -17.50 -27.46
C HIS B 74 8.95 -16.67 -28.28
N ASN B 75 9.89 -16.05 -27.60
CA ASN B 75 11.10 -15.59 -28.30
C ASN B 75 12.18 -16.22 -27.43
N GLY B 76 13.31 -16.48 -28.07
CA GLY B 76 14.37 -17.12 -27.34
C GLY B 76 15.68 -16.35 -27.13
N THR B 77 16.09 -15.28 -27.82
CA THR B 77 17.41 -14.66 -27.72
C THR B 77 18.16 -14.64 -26.40
N GLU B 78 19.33 -15.24 -26.26
CA GLU B 78 20.07 -15.11 -25.03
C GLU B 78 20.43 -13.62 -24.89
N LEU B 79 20.31 -13.17 -23.66
CA LEU B 79 20.39 -11.78 -23.29
C LEU B 79 21.29 -11.80 -22.05
N THR B 80 22.04 -10.71 -21.82
CA THR B 80 22.85 -10.65 -20.63
C THR B 80 23.18 -9.23 -20.13
N LEU B 81 22.46 -9.05 -19.03
CA LEU B 81 22.42 -7.81 -18.28
C LEU B 81 23.57 -7.71 -17.30
N ARG B 82 24.42 -6.86 -17.83
CA ARG B 82 25.65 -6.44 -17.17
C ARG B 82 25.26 -5.30 -16.25
N TYR B 83 25.49 -5.26 -14.94
CA TYR B 83 25.00 -4.16 -14.09
C TYR B 83 26.09 -3.70 -13.16
N SER B 84 26.15 -2.45 -12.67
CA SER B 84 27.12 -2.08 -11.64
C SER B 84 26.58 -2.68 -10.32
N THR B 85 26.77 -3.99 -10.11
CA THR B 85 26.32 -4.75 -8.94
C THR B 85 26.48 -6.23 -9.20
N GLY B 86 26.13 -6.64 -10.44
CA GLY B 86 26.25 -8.03 -10.87
C GLY B 86 25.79 -8.33 -12.31
N THR B 87 25.68 -9.61 -12.75
CA THR B 87 25.29 -10.01 -14.11
C THR B 87 24.22 -11.07 -14.10
N VAL B 88 23.20 -10.96 -14.93
CA VAL B 88 22.26 -12.04 -15.05
C VAL B 88 22.26 -12.14 -16.54
N SER B 89 22.19 -13.39 -16.93
CA SER B 89 22.07 -13.70 -18.33
C SER B 89 20.71 -14.38 -18.43
N GLY B 90 20.05 -14.45 -19.57
CA GLY B 90 18.78 -15.13 -19.68
C GLY B 90 18.40 -15.16 -21.14
N PHE B 91 17.12 -15.14 -21.48
CA PHE B 91 16.72 -15.24 -22.88
C PHE B 91 15.41 -14.50 -23.01
N LEU B 92 15.02 -13.81 -24.09
CA LEU B 92 13.84 -12.98 -23.97
C LEU B 92 12.53 -13.43 -24.55
N SER B 93 11.46 -12.94 -23.95
CA SER B 93 10.12 -13.44 -24.24
C SER B 93 9.06 -12.36 -24.21
N GLN B 94 7.86 -12.63 -24.68
CA GLN B 94 6.86 -11.61 -24.89
C GLN B 94 5.60 -11.92 -24.10
N ASP B 95 5.08 -10.97 -23.34
CA ASP B 95 3.82 -11.21 -22.67
C ASP B 95 3.18 -9.92 -22.21
N ILE B 96 1.96 -9.92 -21.72
CA ILE B 96 1.35 -8.74 -21.17
C ILE B 96 1.88 -8.49 -19.75
N ILE B 97 2.29 -7.26 -19.43
CA ILE B 97 2.61 -6.95 -18.05
C ILE B 97 1.59 -5.92 -17.56
N THR B 98 0.95 -6.04 -16.41
CA THR B 98 0.07 -4.97 -15.97
C THR B 98 0.81 -3.98 -15.07
N VAL B 99 0.91 -2.68 -15.35
CA VAL B 99 1.60 -1.86 -14.40
C VAL B 99 0.45 -1.04 -13.93
N GLY B 100 0.28 -1.06 -12.63
CA GLY B 100 -0.72 -0.22 -12.02
C GLY B 100 -2.05 -0.67 -12.57
N GLY B 101 -2.65 0.15 -13.40
CA GLY B 101 -3.86 -0.30 -14.05
C GLY B 101 -3.54 -0.50 -15.52
N ILE B 102 -2.47 0.06 -16.00
CA ILE B 102 -2.26 -0.02 -17.40
C ILE B 102 -1.71 -1.37 -17.77
N THR B 103 -1.86 -1.67 -19.06
CA THR B 103 -1.50 -2.94 -19.67
C THR B 103 -0.56 -2.74 -20.85
N VAL B 104 0.51 -3.51 -20.95
CA VAL B 104 1.51 -3.34 -21.99
C VAL B 104 1.70 -4.77 -22.43
N THR B 105 2.09 -4.97 -23.68
CA THR B 105 2.50 -6.29 -24.16
C THR B 105 3.99 -5.96 -24.24
N GLN B 106 4.89 -6.78 -23.68
CA GLN B 106 6.28 -6.34 -23.55
C GLN B 106 7.32 -7.46 -23.48
N MET B 107 8.45 -7.14 -24.08
CA MET B 107 9.53 -8.09 -24.05
C MET B 107 10.35 -7.88 -22.81
N PHE B 108 10.49 -8.99 -22.13
CA PHE B 108 11.31 -8.97 -20.95
C PHE B 108 12.27 -10.12 -21.18
N GLY B 109 13.03 -10.42 -20.15
CA GLY B 109 13.90 -11.55 -20.16
C GLY B 109 13.50 -12.45 -19.01
N GLU B 110 13.80 -13.70 -19.23
CA GLU B 110 13.63 -14.66 -18.18
C GLU B 110 15.09 -14.82 -17.90
N VAL B 111 15.42 -14.45 -16.69
CA VAL B 111 16.75 -14.60 -16.20
C VAL B 111 16.79 -16.05 -15.90
N THR B 112 17.84 -16.75 -16.26
CA THR B 112 18.01 -18.13 -15.87
C THR B 112 19.34 -18.43 -15.25
N GLU B 113 20.23 -17.44 -15.10
CA GLU B 113 21.53 -17.58 -14.45
C GLU B 113 21.48 -16.37 -13.49
N MET B 114 21.61 -16.45 -12.14
CA MET B 114 21.45 -15.31 -11.17
C MET B 114 22.36 -15.34 -9.92
N PRO B 115 23.52 -14.69 -9.81
CA PRO B 115 24.47 -14.94 -8.76
C PRO B 115 24.00 -14.37 -7.43
N ALA B 116 24.20 -15.25 -6.45
CA ALA B 116 23.83 -14.99 -5.08
C ALA B 116 24.32 -13.63 -4.65
N LEU B 117 25.60 -13.30 -4.77
CA LEU B 117 25.99 -11.91 -4.57
C LEU B 117 25.68 -11.41 -5.99
N PRO B 118 24.68 -10.52 -6.12
CA PRO B 118 23.91 -9.90 -5.03
C PRO B 118 22.42 -10.25 -4.92
N PHE B 119 21.87 -10.93 -5.95
CA PHE B 119 20.44 -10.93 -6.05
C PHE B 119 19.88 -11.80 -4.98
N MET B 120 20.68 -12.56 -4.25
CA MET B 120 20.19 -13.25 -3.08
C MET B 120 19.75 -12.26 -2.02
N LEU B 121 20.46 -11.15 -1.96
CA LEU B 121 20.11 -10.05 -1.10
C LEU B 121 18.93 -9.22 -1.70
N ALA B 122 18.51 -9.33 -2.95
CA ALA B 122 17.42 -8.52 -3.44
C ALA B 122 16.19 -9.05 -2.79
N GLU B 123 15.50 -8.15 -2.14
CA GLU B 123 14.20 -8.41 -1.52
C GLU B 123 13.10 -8.39 -2.55
N PHE B 124 13.49 -8.05 -3.77
CA PHE B 124 12.65 -7.99 -4.94
C PHE B 124 12.93 -9.10 -5.95
N ASP B 125 12.07 -9.40 -6.92
CA ASP B 125 12.42 -10.51 -7.77
C ASP B 125 13.02 -10.09 -9.06
N GLY B 126 12.69 -8.91 -9.58
CA GLY B 126 13.17 -8.54 -10.90
C GLY B 126 13.27 -7.04 -11.07
N VAL B 127 13.69 -6.48 -12.22
CA VAL B 127 13.71 -5.04 -12.28
C VAL B 127 12.88 -4.59 -13.47
N VAL B 128 12.22 -3.43 -13.37
CA VAL B 128 11.53 -2.79 -14.48
C VAL B 128 12.39 -1.59 -14.78
N GLY B 129 13.05 -1.60 -15.91
CA GLY B 129 13.93 -0.49 -16.28
C GLY B 129 13.08 0.73 -16.57
N MET B 130 13.54 1.95 -16.30
CA MET B 130 12.76 3.12 -16.64
C MET B 130 13.63 4.02 -17.50
N GLY B 131 14.72 3.40 -17.94
CA GLY B 131 15.73 4.06 -18.75
C GLY B 131 15.21 4.44 -20.13
N PHE B 132 16.21 4.87 -20.92
CA PHE B 132 15.93 5.31 -22.27
C PHE B 132 16.13 4.14 -23.25
N ILE B 133 15.65 4.16 -24.53
CA ILE B 133 15.91 2.93 -25.33
C ILE B 133 17.40 2.79 -25.57
N GLU B 134 18.13 3.85 -25.93
CA GLU B 134 19.58 3.84 -26.07
C GLU B 134 20.21 2.86 -25.08
N GLN B 135 20.19 3.12 -23.77
CA GLN B 135 20.69 2.19 -22.75
C GLN B 135 20.13 0.76 -22.83
N ALA B 136 19.13 0.39 -23.64
CA ALA B 136 18.49 -0.91 -23.51
C ALA B 136 19.35 -1.93 -24.15
N ILE B 137 19.84 -2.91 -23.36
CA ILE B 137 20.67 -4.01 -23.89
C ILE B 137 19.68 -4.72 -24.76
N GLY B 138 20.21 -4.93 -25.96
CA GLY B 138 19.45 -5.68 -26.92
C GLY B 138 18.34 -4.84 -27.52
N ARG B 139 18.50 -3.52 -27.44
CA ARG B 139 17.66 -2.64 -28.21
C ARG B 139 16.15 -2.90 -28.13
N VAL B 140 15.66 -3.53 -27.05
CA VAL B 140 14.28 -3.93 -26.97
C VAL B 140 13.52 -2.73 -26.47
N THR B 141 12.44 -2.30 -27.10
CA THR B 141 11.69 -1.16 -26.62
C THR B 141 11.16 -1.26 -25.21
N PRO B 142 11.57 -0.38 -24.27
CA PRO B 142 11.09 -0.38 -22.87
C PRO B 142 9.62 -0.08 -22.51
N ILE B 143 9.19 -0.53 -21.35
CA ILE B 143 7.83 -0.33 -20.92
C ILE B 143 7.41 1.12 -20.94
N PHE B 144 8.16 2.13 -20.46
CA PHE B 144 7.61 3.48 -20.50
C PHE B 144 7.47 3.86 -21.96
N ASP B 145 8.36 3.52 -22.92
CA ASP B 145 8.18 3.91 -24.32
C ASP B 145 6.90 3.27 -24.73
N ASN B 146 6.62 2.02 -24.34
CA ASN B 146 5.38 1.47 -24.85
C ASN B 146 4.08 1.97 -24.32
N ILE B 147 4.03 2.25 -23.02
CA ILE B 147 2.82 2.74 -22.39
C ILE B 147 2.43 3.98 -23.13
N ILE B 148 3.48 4.75 -23.42
CA ILE B 148 3.10 5.92 -24.07
C ILE B 148 2.85 5.77 -25.55
N SER B 149 3.28 4.69 -26.23
CA SER B 149 2.78 4.44 -27.58
C SER B 149 1.26 4.25 -27.55
N GLN B 150 0.64 3.93 -26.40
CA GLN B 150 -0.77 3.63 -26.37
C GLN B 150 -1.56 4.85 -26.05
N GLY B 151 -0.83 5.94 -25.84
CA GLY B 151 -1.46 7.23 -25.56
C GLY B 151 -2.50 7.18 -24.44
N VAL B 152 -2.06 6.58 -23.35
CA VAL B 152 -3.03 6.37 -22.32
C VAL B 152 -2.74 7.37 -21.22
N LEU B 153 -1.48 7.40 -20.73
CA LEU B 153 -1.04 8.36 -19.72
C LEU B 153 -1.31 9.68 -20.34
N LYS B 154 -1.76 10.69 -19.67
CA LYS B 154 -1.94 11.86 -20.47
C LYS B 154 -1.09 12.93 -19.83
N GLU B 155 0.21 12.66 -20.05
CA GLU B 155 1.40 13.45 -19.74
C GLU B 155 2.59 12.51 -19.82
N ASP B 156 3.63 12.86 -20.58
CA ASP B 156 4.77 11.98 -20.93
C ASP B 156 5.81 12.03 -19.87
N VAL B 157 5.44 11.79 -18.61
CA VAL B 157 6.35 12.03 -17.51
C VAL B 157 6.12 10.93 -16.50
N PHE B 158 7.04 10.51 -15.63
CA PHE B 158 6.65 9.66 -14.51
C PHE B 158 7.45 10.15 -13.31
N SER B 159 7.01 10.00 -12.04
CA SER B 159 7.76 10.52 -10.89
C SER B 159 7.77 9.61 -9.66
N PHE B 160 8.69 9.84 -8.78
CA PHE B 160 8.99 8.88 -7.78
C PHE B 160 8.74 9.43 -6.43
N TYR B 161 8.34 8.70 -5.41
CA TYR B 161 8.29 9.25 -4.09
C TYR B 161 8.80 8.15 -3.19
N TYR B 162 9.82 8.38 -2.40
CA TYR B 162 10.41 7.37 -1.56
C TYR B 162 10.37 7.88 -0.13
N ASN B 163 9.53 7.28 0.69
CA ASN B 163 9.33 7.75 2.04
C ASN B 163 10.48 7.34 2.94
N ARG B 164 10.70 8.12 4.01
CA ARG B 164 11.66 7.76 5.07
C ARG B 164 10.83 6.81 5.88
N ASP B 165 11.38 5.83 6.56
CA ASP B 165 10.39 5.04 7.30
C ASP B 165 10.62 5.22 8.78
N SER B 166 9.79 4.61 9.51
N SER B 171 2.27 3.52 6.70
CA SER B 171 2.47 4.60 5.76
C SER B 171 3.03 4.00 4.47
N LEU B 172 2.80 4.70 3.38
CA LEU B 172 3.26 4.33 2.08
C LEU B 172 4.51 3.55 1.93
N GLY B 173 5.57 4.23 2.25
CA GLY B 173 6.78 3.57 1.88
C GLY B 173 7.10 4.16 0.54
N GLY B 174 6.23 4.24 -0.43
CA GLY B 174 6.68 4.99 -1.58
C GLY B 174 5.63 4.98 -2.63
N GLN B 175 5.77 5.70 -3.73
CA GLN B 175 4.71 5.73 -4.71
C GLN B 175 5.25 6.13 -6.08
N ILE B 176 4.93 5.50 -7.20
CA ILE B 176 5.41 6.00 -8.47
C ILE B 176 4.19 6.37 -9.19
N VAL B 177 4.21 7.46 -9.94
CA VAL B 177 3.06 7.82 -10.73
C VAL B 177 3.51 7.88 -12.19
N LEU B 178 2.83 7.13 -13.06
CA LEU B 178 3.16 7.11 -14.45
C LEU B 178 2.25 8.15 -15.13
N GLY B 179 2.77 9.15 -15.84
CA GLY B 179 1.94 10.08 -16.55
C GLY B 179 1.59 11.26 -15.72
N GLY B 180 2.41 11.74 -14.77
CA GLY B 180 2.10 12.93 -13.98
C GLY B 180 2.66 12.89 -12.55
N SER B 181 2.27 13.76 -11.63
CA SER B 181 2.79 13.74 -10.29
C SER B 181 1.65 13.87 -9.32
N ASP B 182 1.90 13.57 -8.05
CA ASP B 182 0.89 13.52 -7.03
C ASP B 182 1.22 14.57 -6.03
N PRO B 183 0.47 15.65 -6.04
CA PRO B 183 0.74 16.87 -5.31
C PRO B 183 0.74 16.61 -3.84
N GLN B 184 0.06 15.59 -3.38
CA GLN B 184 0.08 15.31 -1.95
C GLN B 184 1.48 15.07 -1.34
N HIS B 185 2.46 14.75 -2.18
CA HIS B 185 3.79 14.40 -1.74
C HIS B 185 4.92 15.33 -1.96
N TYR B 186 4.55 16.56 -2.26
CA TYR B 186 5.56 17.55 -2.39
C TYR B 186 5.10 18.94 -2.10
N GLU B 187 6.15 19.69 -1.83
CA GLU B 187 6.08 21.03 -1.38
C GLU B 187 6.49 22.09 -2.37
N GLY B 188 5.54 22.59 -3.15
CA GLY B 188 5.85 23.76 -3.95
C GLY B 188 5.98 23.54 -5.43
N ASN B 189 7.04 24.03 -6.06
CA ASN B 189 7.07 23.96 -7.49
C ASN B 189 8.35 23.51 -8.10
N PHE B 190 8.18 22.40 -8.82
CA PHE B 190 9.27 21.80 -9.57
C PHE B 190 10.26 22.74 -10.22
N HIS B 191 11.54 22.87 -9.93
CA HIS B 191 12.34 23.65 -10.86
C HIS B 191 13.26 22.56 -11.38
N TYR B 192 13.35 22.40 -12.73
CA TYR B 192 13.97 21.28 -13.42
C TYR B 192 15.41 21.43 -13.86
N ILE B 193 16.17 20.35 -13.82
CA ILE B 193 17.55 20.34 -14.27
C ILE B 193 17.61 19.63 -15.62
N ASN B 194 18.36 20.03 -16.65
CA ASN B 194 18.22 19.42 -17.98
C ASN B 194 19.28 18.40 -18.17
N LEU B 195 18.84 17.44 -18.95
CA LEU B 195 19.57 16.24 -19.21
C LEU B 195 20.85 16.59 -19.92
N ILE B 196 22.03 16.11 -19.49
CA ILE B 196 23.27 16.50 -20.17
C ILE B 196 23.50 15.77 -21.52
N LYS B 197 22.61 14.85 -21.91
CA LYS B 197 22.55 14.23 -23.23
C LYS B 197 21.46 13.21 -23.04
N THR B 198 20.77 12.89 -24.12
CA THR B 198 19.62 12.04 -23.94
C THR B 198 20.20 10.67 -23.98
N GLY B 199 19.48 9.81 -23.28
CA GLY B 199 19.83 8.43 -23.29
C GLY B 199 20.19 7.89 -21.94
N VAL B 200 20.65 8.77 -21.09
CA VAL B 200 21.04 8.39 -19.74
C VAL B 200 20.23 9.32 -18.87
N TRP B 201 19.68 8.97 -17.71
CA TRP B 201 19.06 9.97 -16.85
C TRP B 201 20.12 10.72 -16.06
N GLN B 202 21.01 11.46 -16.72
CA GLN B 202 22.14 12.05 -16.03
C GLN B 202 22.14 13.53 -16.20
N ILE B 203 22.53 14.26 -15.19
CA ILE B 203 22.50 15.69 -15.29
C ILE B 203 23.87 16.16 -14.95
N GLN B 204 24.24 17.33 -15.43
CA GLN B 204 25.53 17.85 -15.04
C GLN B 204 25.31 18.43 -13.64
N MET B 205 26.28 18.31 -12.75
CA MET B 205 26.27 18.83 -11.38
C MET B 205 27.59 19.57 -11.15
N LYS B 206 27.42 20.84 -10.85
CA LYS B 206 28.51 21.77 -10.83
C LYS B 206 28.80 22.14 -9.41
N GLY B 207 29.31 21.16 -8.66
CA GLY B 207 29.78 21.42 -7.29
C GLY B 207 29.09 20.76 -6.10
N VAL B 208 29.87 20.20 -5.16
CA VAL B 208 29.35 19.54 -3.95
C VAL B 208 30.11 20.19 -2.83
N SER B 209 29.30 20.81 -1.98
CA SER B 209 29.82 21.56 -0.86
C SER B 209 29.38 20.94 0.44
N VAL B 210 30.37 20.77 1.31
CA VAL B 210 30.13 20.33 2.65
C VAL B 210 30.39 21.65 3.36
N GLY B 211 29.40 21.92 4.17
CA GLY B 211 29.40 23.11 4.98
C GLY B 211 29.22 24.25 4.02
N SER B 212 30.26 25.05 3.92
CA SER B 212 30.14 26.16 3.01
C SER B 212 31.44 26.12 2.21
N SER B 213 31.71 24.92 1.74
CA SER B 213 32.96 24.83 1.03
C SER B 213 32.80 23.90 -0.16
N THR B 214 32.67 24.54 -1.36
CA THR B 214 32.60 23.79 -2.63
C THR B 214 33.98 23.21 -2.82
N LEU B 215 33.94 22.14 -2.02
CA LEU B 215 35.02 21.31 -1.61
C LEU B 215 35.32 20.50 -2.84
N LEU B 216 34.24 19.95 -3.33
CA LEU B 216 34.43 19.04 -4.41
C LEU B 216 33.55 19.51 -5.53
N CYS B 217 33.87 18.74 -6.59
CA CYS B 217 33.23 18.78 -7.88
C CYS B 217 32.98 20.21 -8.32
N GLU B 218 33.88 21.10 -7.87
CA GLU B 218 33.94 22.44 -8.42
C GLU B 218 34.44 22.05 -9.82
N ASP B 219 33.88 22.83 -10.75
CA ASP B 219 34.08 22.59 -12.17
C ASP B 219 33.36 21.33 -12.57
N GLY B 220 32.36 20.96 -11.79
CA GLY B 220 31.33 20.02 -12.18
C GLY B 220 31.58 18.62 -12.73
N CYS B 221 30.83 17.71 -12.14
CA CYS B 221 30.91 16.34 -12.51
C CYS B 221 29.50 15.89 -12.89
N LEU B 222 29.11 14.61 -12.96
CA LEU B 222 27.86 14.20 -13.57
C LEU B 222 27.05 13.44 -12.56
N ALA B 223 25.76 13.50 -12.66
CA ALA B 223 24.98 12.85 -11.67
C ALA B 223 23.98 11.96 -12.35
N LEU B 224 24.17 10.65 -12.20
CA LEU B 224 23.16 9.72 -12.63
C LEU B 224 22.07 9.85 -11.57
N VAL B 225 20.81 10.16 -11.85
CA VAL B 225 19.79 10.17 -10.82
C VAL B 225 19.18 8.79 -10.76
N ASP B 226 19.56 7.95 -9.81
CA ASP B 226 19.20 6.56 -9.92
C ASP B 226 18.19 6.00 -8.94
N THR B 227 16.95 5.69 -9.35
CA THR B 227 15.94 5.21 -8.42
C THR B 227 16.23 3.82 -7.91
N GLY B 228 17.07 3.05 -8.57
CA GLY B 228 17.39 1.73 -8.07
C GLY B 228 18.72 1.70 -7.29
N ALA B 229 19.12 2.80 -6.64
CA ALA B 229 20.36 2.89 -5.86
C ALA B 229 19.93 3.25 -4.45
N SER B 230 20.54 2.74 -3.40
CA SER B 230 20.07 3.11 -2.09
C SER B 230 20.68 4.38 -1.55
N TYR B 231 21.91 4.73 -1.93
CA TYR B 231 22.71 5.77 -1.33
C TYR B 231 23.09 6.89 -2.27
N ILE B 232 23.75 7.95 -1.83
CA ILE B 232 24.35 8.96 -2.73
C ILE B 232 25.70 8.29 -2.89
N SER B 233 26.33 8.44 -4.03
CA SER B 233 27.56 7.74 -4.21
C SER B 233 28.33 8.52 -5.18
N GLY B 234 29.60 8.35 -4.98
CA GLY B 234 30.57 8.94 -5.82
C GLY B 234 31.70 7.97 -5.86
N SER B 235 32.65 8.39 -6.65
CA SER B 235 33.86 7.67 -6.84
C SER B 235 34.56 7.67 -5.49
N THR B 236 35.22 6.57 -5.37
CA THR B 236 35.93 6.15 -4.17
C THR B 236 36.68 7.29 -3.54
N SER B 237 37.60 7.79 -4.31
CA SER B 237 38.49 8.87 -3.94
C SER B 237 37.69 10.17 -3.69
N SER B 238 36.48 10.32 -4.26
CA SER B 238 35.71 11.50 -3.96
C SER B 238 35.04 11.32 -2.60
N ILE B 239 34.47 10.13 -2.31
CA ILE B 239 33.83 9.93 -1.03
C ILE B 239 34.93 9.98 0.01
N GLU B 240 36.08 9.39 -0.26
CA GLU B 240 37.23 9.47 0.59
C GLU B 240 37.40 10.95 0.95
N LYS B 241 37.56 11.94 0.06
CA LYS B 241 37.70 13.34 0.46
C LYS B 241 36.55 13.80 1.31
N LEU B 242 35.35 13.35 0.93
CA LEU B 242 34.14 13.75 1.61
C LEU B 242 34.03 13.28 3.07
N MET B 243 34.13 12.00 3.31
CA MET B 243 33.98 11.49 4.63
C MET B 243 34.91 12.18 5.60
N GLU B 244 36.09 12.49 5.06
CA GLU B 244 37.16 13.16 5.77
C GLU B 244 36.66 14.52 6.11
N ALA B 245 36.03 15.22 5.19
CA ALA B 245 35.49 16.50 5.57
C ALA B 245 34.31 16.34 6.54
N LEU B 246 33.61 15.19 6.67
CA LEU B 246 32.57 15.06 7.71
C LEU B 246 33.15 14.66 9.06
N GLY B 247 34.33 14.09 9.12
CA GLY B 247 34.81 13.58 10.37
C GLY B 247 34.27 12.19 10.57
N ALA B 248 33.67 11.57 9.55
CA ALA B 248 33.20 10.19 9.71
C ALA B 248 34.44 9.39 9.49
N LYS B 249 34.63 8.27 10.13
CA LYS B 249 35.80 7.49 9.82
C LYS B 249 35.27 6.18 9.33
N LYS B 250 36.03 5.55 8.43
CA LYS B 250 35.68 4.26 7.85
C LYS B 250 35.96 3.23 8.91
N ARG B 251 34.94 2.41 9.06
CA ARG B 251 34.97 1.37 10.03
C ARG B 251 35.50 0.12 9.38
N LEU B 252 34.68 -0.76 8.88
CA LEU B 252 35.29 -1.95 8.30
C LEU B 252 34.89 -1.83 6.85
N PHE B 253 33.62 -2.00 6.62
CA PHE B 253 33.00 -1.68 5.37
C PHE B 253 32.26 -0.45 5.96
N ASP B 254 31.85 0.52 5.14
CA ASP B 254 31.16 1.74 5.58
C ASP B 254 31.85 2.61 6.61
N TYR B 255 31.39 3.87 6.48
CA TYR B 255 31.86 5.00 7.25
C TYR B 255 30.83 5.22 8.35
N VAL B 256 31.33 5.61 9.52
CA VAL B 256 30.46 5.83 10.65
C VAL B 256 30.88 7.07 11.41
N VAL B 257 29.94 7.54 12.25
CA VAL B 257 30.23 8.54 13.24
C VAL B 257 29.49 8.13 14.48
N LYS B 258 29.89 8.55 15.67
CA LYS B 258 29.23 8.15 16.92
C LYS B 258 27.86 8.77 16.96
N CYS B 259 26.74 8.07 17.18
CA CYS B 259 25.42 8.68 17.00
C CYS B 259 25.19 10.06 17.61
N ASN B 260 25.66 10.28 18.82
CA ASN B 260 25.41 11.57 19.47
C ASN B 260 26.04 12.76 18.80
N GLU B 261 27.05 12.47 17.99
CA GLU B 261 27.75 13.48 17.22
C GLU B 261 26.89 13.87 16.03
N GLY B 262 26.14 12.93 15.49
CA GLY B 262 25.36 13.06 14.27
C GLY B 262 24.62 14.35 14.05
N PRO B 263 23.87 14.84 15.02
CA PRO B 263 23.47 16.22 15.14
C PRO B 263 24.37 17.41 14.79
N THR B 264 25.71 17.34 14.73
CA THR B 264 26.63 18.43 14.37
C THR B 264 27.26 18.46 12.96
N LEU B 265 27.08 17.38 12.23
CA LEU B 265 27.74 17.24 10.95
C LEU B 265 27.27 18.27 9.89
N PRO B 266 28.11 18.66 8.93
CA PRO B 266 27.84 19.65 7.90
C PRO B 266 26.66 19.33 7.09
N ASP B 267 26.00 20.31 6.53
CA ASP B 267 24.97 20.01 5.58
C ASP B 267 25.74 19.83 4.27
N ILE B 268 25.52 18.73 3.59
CA ILE B 268 26.13 18.52 2.30
C ILE B 268 25.08 19.13 1.41
N SER B 269 25.51 19.83 0.38
CA SER B 269 24.57 20.54 -0.47
C SER B 269 25.10 20.29 -1.83
N PHE B 270 24.18 19.80 -2.64
CA PHE B 270 24.41 19.44 -4.03
C PHE B 270 23.96 20.57 -4.95
N HIS B 271 24.91 21.18 -5.64
CA HIS B 271 24.58 22.32 -6.49
C HIS B 271 24.08 21.81 -7.83
N LEU B 272 22.77 21.77 -8.05
CA LEU B 272 22.24 21.30 -9.32
C LEU B 272 21.44 22.33 -10.06
N GLY B 273 21.83 22.54 -11.30
CA GLY B 273 21.08 23.48 -12.13
C GLY B 273 20.93 24.91 -11.61
N GLY B 274 21.83 25.42 -10.78
CA GLY B 274 21.74 26.80 -10.35
C GLY B 274 20.91 26.94 -9.08
N LYS B 275 20.21 25.89 -8.68
CA LYS B 275 19.51 25.97 -7.43
C LYS B 275 20.38 25.07 -6.54
N GLU B 276 20.21 25.04 -5.22
CA GLU B 276 20.94 24.11 -4.35
C GLU B 276 20.03 23.18 -3.58
N TYR B 277 20.40 21.92 -3.68
CA TYR B 277 19.64 20.87 -3.04
C TYR B 277 20.39 20.44 -1.79
N THR B 278 19.84 20.68 -0.61
CA THR B 278 20.57 20.47 0.60
C THR B 278 20.17 19.29 1.42
N LEU B 279 21.13 18.68 2.12
CA LEU B 279 20.81 17.59 3.00
C LEU B 279 21.57 17.78 4.28
N THR B 280 20.80 17.65 5.34
CA THR B 280 21.25 17.78 6.72
C THR B 280 21.68 16.43 7.26
N SER B 281 22.38 16.25 8.39
CA SER B 281 22.78 14.93 8.87
C SER B 281 21.60 13.98 8.97
N ALA B 282 20.56 14.69 9.38
CA ALA B 282 19.22 14.20 9.49
C ALA B 282 18.84 13.33 8.36
N ASP B 283 19.19 13.84 7.20
CA ASP B 283 18.94 13.12 5.98
C ASP B 283 20.04 12.19 5.61
N TYR B 284 21.31 12.39 5.90
CA TYR B 284 22.25 11.40 5.43
C TYR B 284 22.89 10.50 6.45
N VAL B 285 22.31 10.37 7.63
CA VAL B 285 22.89 9.57 8.67
C VAL B 285 21.81 8.58 9.12
N PHE B 286 22.15 7.32 9.32
CA PHE B 286 21.17 6.35 9.81
C PHE B 286 21.17 6.37 11.36
N GLN B 287 20.56 7.43 11.87
CA GLN B 287 20.48 7.60 13.32
C GLN B 287 19.54 6.53 13.89
N GLU B 288 20.07 5.33 14.17
CA GLU B 288 19.24 4.28 14.80
C GLU B 288 19.83 3.82 16.12
N SER B 289 20.00 4.95 16.77
CA SER B 289 20.56 5.11 18.09
C SER B 289 20.83 6.59 18.26
N TYR B 290 21.10 6.95 19.48
CA TYR B 290 21.53 8.30 19.71
C TYR B 290 22.65 8.42 20.77
N SER B 291 23.00 7.24 21.28
CA SER B 291 23.93 7.21 22.32
C SER B 291 25.37 7.40 21.88
N SER B 292 25.94 8.32 22.65
CA SER B 292 27.37 8.60 22.80
C SER B 292 28.16 7.30 22.81
N LYS B 293 27.58 6.23 23.34
CA LYS B 293 28.26 4.97 23.47
C LYS B 293 28.10 4.10 22.23
N LYS B 294 27.82 4.65 21.05
CA LYS B 294 27.47 3.85 19.88
C LYS B 294 27.76 4.51 18.53
N LEU B 295 27.88 3.69 17.50
CA LEU B 295 28.24 4.16 16.19
C LEU B 295 27.02 4.14 15.23
N CYS B 296 26.75 5.21 14.46
CA CYS B 296 25.73 5.27 13.43
C CYS B 296 26.26 5.38 11.99
N THR B 297 25.88 4.55 11.00
CA THR B 297 26.38 4.55 9.61
C THR B 297 25.93 5.75 8.81
N LEU B 298 26.67 6.23 7.84
CA LEU B 298 26.15 7.32 7.05
C LEU B 298 25.42 6.71 5.89
N ALA B 299 24.67 7.44 5.04
CA ALA B 299 23.97 6.83 3.94
C ALA B 299 24.47 7.40 2.62
N ILE B 300 25.78 7.57 2.51
CA ILE B 300 26.50 8.04 1.32
C ILE B 300 27.57 6.98 1.22
N HIS B 301 27.89 6.63 0.00
CA HIS B 301 28.63 5.41 -0.18
C HIS B 301 29.47 5.36 -1.42
N ALA B 302 30.74 4.94 -1.53
CA ALA B 302 31.43 4.96 -2.81
C ALA B 302 30.98 3.89 -3.75
N MET B 303 31.04 4.14 -5.04
CA MET B 303 30.76 3.09 -6.02
C MET B 303 31.42 3.44 -7.37
N ASP B 304 32.15 2.49 -8.02
CA ASP B 304 32.70 2.91 -9.27
C ASP B 304 31.80 2.37 -10.36
N ILE B 305 31.15 3.34 -10.98
CA ILE B 305 30.35 3.02 -12.12
C ILE B 305 31.38 3.35 -13.20
N PRO B 306 31.57 2.44 -14.17
CA PRO B 306 32.59 2.50 -15.22
C PRO B 306 32.01 2.86 -16.58
N PRO B 307 32.80 3.23 -17.61
CA PRO B 307 32.39 4.19 -18.62
C PRO B 307 31.92 3.56 -19.91
N PRO B 308 30.82 2.78 -19.88
CA PRO B 308 29.58 3.20 -20.53
C PRO B 308 29.21 4.50 -19.81
N THR B 309 28.37 4.43 -18.73
CA THR B 309 27.78 5.52 -17.95
C THR B 309 28.75 6.41 -17.19
N GLY B 310 30.01 6.43 -17.62
CA GLY B 310 31.01 7.29 -17.03
C GLY B 310 31.45 6.79 -15.66
N PRO B 311 32.42 7.48 -15.00
CA PRO B 311 32.50 7.58 -13.56
C PRO B 311 31.47 8.67 -13.25
N THR B 312 30.56 8.38 -12.33
CA THR B 312 29.44 9.29 -12.14
C THR B 312 29.02 9.25 -10.70
N TRP B 313 28.54 10.38 -10.24
CA TRP B 313 27.96 10.42 -8.92
C TRP B 313 26.57 9.87 -9.21
N ALA B 314 25.95 9.11 -8.34
CA ALA B 314 24.61 8.73 -8.66
C ALA B 314 23.82 9.11 -7.45
N LEU B 315 22.76 9.90 -7.66
CA LEU B 315 21.89 10.40 -6.58
C LEU B 315 20.76 9.42 -6.41
N GLY B 316 21.03 8.51 -5.47
CA GLY B 316 20.16 7.39 -5.18
C GLY B 316 19.07 7.69 -4.19
N ALA B 317 18.38 6.69 -3.67
CA ALA B 317 17.30 6.85 -2.74
C ALA B 317 17.61 7.91 -1.69
N THR B 318 18.69 7.95 -0.87
CA THR B 318 19.02 9.01 0.06
C THR B 318 18.63 10.36 -0.51
N PHE B 319 18.91 10.70 -1.77
CA PHE B 319 18.52 11.97 -2.35
C PHE B 319 17.03 12.02 -2.58
N ILE B 320 16.47 11.05 -3.28
CA ILE B 320 15.06 11.02 -3.62
C ILE B 320 14.08 11.03 -2.45
N ARG B 321 14.56 10.56 -1.30
CA ARG B 321 13.75 10.52 -0.11
C ARG B 321 13.51 11.97 0.29
N LYS B 322 14.47 12.87 0.05
CA LYS B 322 14.31 14.29 0.40
C LYS B 322 13.64 15.13 -0.69
N PHE B 323 13.89 14.86 -1.97
CA PHE B 323 13.29 15.62 -3.03
C PHE B 323 12.40 14.76 -3.88
N TYR B 324 11.11 14.98 -3.93
CA TYR B 324 10.24 14.26 -4.83
C TYR B 324 10.78 14.27 -6.26
N THR B 325 11.24 13.26 -6.99
CA THR B 325 11.78 13.49 -8.31
C THR B 325 10.78 13.20 -9.36
N GLU B 326 10.89 13.99 -10.41
CA GLU B 326 10.01 13.88 -11.54
C GLU B 326 10.82 13.70 -12.81
N PHE B 327 10.64 12.58 -13.50
CA PHE B 327 11.39 12.36 -14.70
C PHE B 327 10.56 12.82 -15.88
N ASP B 328 10.94 13.96 -16.42
CA ASP B 328 10.27 14.54 -17.56
C ASP B 328 10.77 13.91 -18.84
N ARG B 329 10.03 12.92 -19.25
CA ARG B 329 10.41 12.22 -20.45
C ARG B 329 10.28 13.12 -21.62
N ARG B 330 9.07 13.66 -21.91
CA ARG B 330 8.75 14.53 -23.06
C ARG B 330 9.88 15.49 -23.39
N ASN B 331 10.43 16.27 -22.47
CA ASN B 331 11.51 17.08 -22.90
C ASN B 331 12.70 17.20 -22.00
N ASN B 332 13.12 15.97 -21.95
CA ASN B 332 14.34 15.53 -21.38
C ASN B 332 14.93 16.33 -20.30
N ARG B 333 14.30 16.31 -19.15
CA ARG B 333 14.86 17.02 -18.00
C ARG B 333 14.35 16.35 -16.72
N ILE B 334 14.77 16.73 -15.50
CA ILE B 334 14.33 16.05 -14.30
C ILE B 334 13.82 17.05 -13.26
N GLY B 335 12.62 17.03 -12.72
CA GLY B 335 12.26 18.00 -11.70
C GLY B 335 12.51 17.47 -10.31
N PHE B 336 12.89 18.40 -9.44
CA PHE B 336 13.07 18.14 -8.04
C PHE B 336 12.09 18.99 -7.32
N ALA B 337 11.74 18.70 -6.09
CA ALA B 337 10.79 19.45 -5.32
C ALA B 337 10.78 18.92 -3.90
N LEU B 338 10.44 19.63 -2.82
CA LEU B 338 10.50 18.99 -1.51
C LEU B 338 9.54 17.88 -1.33
N ALA B 339 10.02 16.70 -0.98
CA ALA B 339 9.17 15.54 -0.81
C ALA B 339 8.38 15.77 0.45
N ARG B 340 7.20 15.20 0.61
CA ARG B 340 6.30 15.47 1.74
C ARG B 340 5.46 14.24 2.12
C1 C80 C . -13.62 -0.98 13.59
C2 C80 C . -13.87 -0.28 12.43
C3 C80 C . -13.63 -0.82 11.18
C4 C80 C . -13.10 -2.09 11.11
C5 C80 C . -12.84 -2.81 12.28
C6 C80 C . -13.09 -2.26 13.52
C7 C80 C . -12.73 -3.04 14.78
N8 C80 C . -13.82 -3.40 15.67
C16 C80 C . -14.98 -3.89 15.30
C9 C80 C . -13.76 -3.31 17.03
C13 C80 C . -15.08 -3.88 18.99
C14 C80 C . -14.91 -3.83 17.62
C15 C80 C . -15.61 -4.17 16.49
C10 C80 C . -12.74 -2.82 17.83
C11 C80 C . -12.89 -2.86 19.22
C12 C80 C . -14.04 -3.39 19.77
C17 C80 C . -16.86 -4.78 16.75
O18 C80 C . -16.88 -5.75 17.52
O19 C80 C . -17.95 -4.39 16.27
C20 C80 C . -18.07 -4.53 14.88
C21 C80 C . -18.69 -5.83 14.65
C22 C80 C . -20.04 -5.34 14.22
C23 C80 C . -17.88 -6.48 13.56
C24 C80 C . -18.22 -7.86 13.04
N25 C80 C . -17.35 -8.27 11.96
C26 C80 C . -19.56 -7.95 12.47
O27 C80 C . -19.61 -7.01 11.41
C28 C80 C . -20.66 -8.86 12.96
C29 C80 C . -21.48 -9.69 12.02
C30 C80 C . -20.60 -10.70 11.33
C31 C80 C . -22.43 -10.41 12.94
O32 C80 C . -22.07 -11.45 13.51
N33 C80 C . -23.61 -9.92 13.27
C34 C80 C . -24.75 -10.03 12.39
C35 C80 C . -25.98 -10.00 13.23
C36 C80 C . -26.17 -8.59 13.77
C37 C80 C . -26.70 -7.57 12.70
C1 C80 D . 17.72 0.52 -3.98
C2 C80 D . 16.54 1.24 -4.12
C3 C80 D . 15.44 0.64 -4.63
C4 C80 D . 15.56 -0.69 -5.00
C5 C80 D . 16.74 -1.42 -4.88
C6 C80 D . 17.85 -0.82 -4.34
C7 C80 D . 19.17 -1.58 -4.02
N8 C80 D . 19.68 -2.66 -4.87
C16 C80 D . 20.02 -2.49 -6.12
C9 C80 D . 19.88 -3.95 -4.50
C13 C80 D . 20.50 -6.09 -5.45
C14 C80 D . 20.28 -4.73 -5.59
C15 C80 D . 20.37 -3.75 -6.54
C10 C80 D . 19.69 -4.55 -3.25
C11 C80 D . 19.91 -5.92 -3.10
C12 C80 D . 20.31 -6.67 -4.19
C17 C80 D . 20.80 -4.12 -7.82
O18 C80 D . 21.67 -4.99 -7.94
O19 C80 D . 20.36 -3.55 -8.82
C20 C80 D . 21.47 -2.94 -9.51
C21 C80 D . 21.16 -2.87 -10.99
C22 C80 D . 20.20 -3.97 -11.45
C23 C80 D . 20.53 -1.54 -11.32
C24 C80 D . 21.33 -0.26 -11.08
N25 C80 D . 20.52 0.75 -10.43
C26 C80 D . 21.73 0.45 -12.26
O27 C80 D . 20.58 0.61 -13.09
C28 C80 D . 23.12 0.95 -12.50
C29 C80 D . 23.54 1.44 -13.88
C30 C80 D . 24.95 2.01 -13.84
C31 C80 D . 23.50 0.26 -14.86
O32 C80 D . 23.63 -0.92 -14.50
N33 C80 D . 23.21 0.62 -16.11
C34 C80 D . 23.95 0.12 -17.27
C35 C80 D . 23.76 -1.40 -17.42
C36 C80 D . 22.29 -1.74 -17.37
C37 C80 D . 22.08 -2.93 -18.29
#